data_5YV3
#
_entry.id   5YV3
#
_cell.length_a   86.249
_cell.length_b   57.038
_cell.length_c   109.950
_cell.angle_alpha   90.00
_cell.angle_beta   94.55
_cell.angle_gamma   90.00
#
_symmetry.space_group_name_H-M   'P 1 21 1'
#
loop_
_entity.id
_entity.type
_entity.pdbx_description
1 polymer 'DNA polymerase IV'
2 polymer DTN1
3 polymer DTN2
4 non-polymer 'MAGNESIUM ION'
5 non-polymer DIPHOSPHATE
6 non-polymer "THYMIDINE-5'-TRIPHOSPHATE"
7 water water
#
loop_
_entity_poly.entity_id
_entity_poly.type
_entity_poly.pdbx_seq_one_letter_code
_entity_poly.pdbx_strand_id
1 'polypeptide(L)'
;GSRKIIHVDMDCFFAAVEMRDNPALRDIPIAIGGSRERRGVISTANYPARKFGVRSAMPTGMALKLCPHLTLLPGRFDAY
KEASNHIREIFSRYTSRIEPLSLDEAYLDVTDSVHCHGSATLIAQEIRQTIFNELQLTASAGVAPVKFLAKIASDMNKPN
GQFVITPAEVPAFLQTLPLAKIPGVGKVSAAKLEAMGLRTCGDVQKCDLVMLLKRFGKFGRILWERSQGIDERDVNSERL
RKSVGVERTMAEDIHHWSECEAIIERLYPELERRLAKVKPDLLIARQGVKLKFDDFQQTTQEHVWPRLNKADLIATARKT
WDERRGGRGVRLVGLHVTLLDPQMERQLVLGL
;
F,A
2 'polydeoxyribonucleotide' (DT)(DC)(DT)(DA)(DG)(DG)(DG)(DT)(DC)(DC)(DT)(DA)(DG)(DG)(DA)(DC)(DC)(DC) G,B
3 'polydeoxyribonucleotide' (DT)(DC)(DT)(DA)(DG)(DG)(DG)(DT)(DC)(DC)(DT)(DA)(DG)(DG)(DA)(DC)(DC)(DC)(DT) H,C
#
loop_
_chem_comp.id
_chem_comp.type
_chem_comp.name
_chem_comp.formula
DA DNA linking 2'-DEOXYADENOSINE-5'-MONOPHOSPHATE 'C10 H14 N5 O6 P'
DC DNA linking 2'-DEOXYCYTIDINE-5'-MONOPHOSPHATE 'C9 H14 N3 O7 P'
DG DNA linking 2'-DEOXYGUANOSINE-5'-MONOPHOSPHATE 'C10 H14 N5 O7 P'
DPO non-polymer DIPHOSPHATE 'O7 P2 -4'
DT DNA linking THYMIDINE-5'-MONOPHOSPHATE 'C10 H15 N2 O8 P'
MG non-polymer 'MAGNESIUM ION' 'Mg 2'
TTP non-polymer THYMIDINE-5'-TRIPHOSPHATE 'C10 H17 N2 O14 P3'
#
# COMPACT_ATOMS: atom_id res chain seq x y z
N GLY A 1 34.97 16.86 -26.08
CA GLY A 1 34.30 17.57 -25.00
C GLY A 1 34.10 16.74 -23.74
N SER A 2 35.11 15.96 -23.38
CA SER A 2 35.02 15.03 -22.25
C SER A 2 35.63 15.65 -21.00
N ARG A 3 34.84 15.74 -19.93
CA ARG A 3 35.28 16.31 -18.68
C ARG A 3 36.03 15.27 -17.86
N LYS A 4 36.86 15.75 -16.93
CA LYS A 4 37.48 14.89 -15.93
C LYS A 4 36.91 15.25 -14.54
N ILE A 5 36.24 14.31 -13.89
CA ILE A 5 35.61 14.59 -12.60
C ILE A 5 36.19 13.68 -11.54
N ILE A 6 36.64 14.28 -10.42
CA ILE A 6 37.11 13.52 -9.27
C ILE A 6 36.04 13.58 -8.18
N HIS A 7 35.79 12.44 -7.52
CA HIS A 7 35.02 12.46 -6.28
C HIS A 7 35.96 11.94 -5.19
N VAL A 8 36.23 12.78 -4.18
CA VAL A 8 37.08 12.44 -3.05
C VAL A 8 36.18 12.16 -1.86
N ASP A 9 36.48 11.09 -1.12
CA ASP A 9 35.62 10.59 -0.04
C ASP A 9 36.47 10.06 1.11
N MET A 10 36.28 10.59 2.33
CA MET A 10 37.09 10.17 3.47
C MET A 10 36.67 8.77 3.92
N ASP A 11 37.66 7.96 4.35
CA ASP A 11 37.39 6.60 4.81
C ASP A 11 36.95 6.61 6.28
N CYS A 12 35.85 5.92 6.58
CA CYS A 12 35.28 5.78 7.93
C CYS A 12 35.36 7.08 8.72
N PHE A 13 34.89 8.18 8.09
CA PHE A 13 35.35 9.52 8.45
C PHE A 13 35.32 9.77 9.97
N PHE A 14 34.14 9.70 10.60
CA PHE A 14 34.08 10.04 12.03
C PHE A 14 34.98 9.10 12.83
N ALA A 15 34.93 7.79 12.53
CA ALA A 15 35.74 6.82 13.27
C ALA A 15 37.23 7.03 13.01
N ALA A 16 37.62 7.28 11.75
CA ALA A 16 39.03 7.55 11.46
C ALA A 16 39.54 8.72 12.28
N VAL A 17 38.69 9.73 12.51
CA VAL A 17 39.11 10.90 13.28
C VAL A 17 39.29 10.55 14.75
N GLU A 18 38.38 9.73 15.31
CA GLU A 18 38.52 9.30 16.69
C GLU A 18 39.74 8.39 16.89
N MET A 19 40.12 7.64 15.87
CA MET A 19 41.28 6.76 16.01
C MET A 19 42.59 7.54 15.93
N ARG A 20 42.67 8.51 15.02
CA ARG A 20 43.84 9.38 14.98
C ARG A 20 44.04 10.05 16.33
N ASP A 21 42.97 10.63 16.87
CA ASP A 21 43.06 11.37 18.12
C ASP A 21 43.18 10.48 19.34
N ASN A 22 42.92 9.18 19.23
CA ASN A 22 43.12 8.25 20.34
C ASN A 22 43.59 6.92 19.76
N PRO A 23 44.90 6.72 19.66
CA PRO A 23 45.41 5.49 19.00
C PRO A 23 44.95 4.21 19.66
N ALA A 24 44.44 4.28 20.90
CA ALA A 24 43.98 3.07 21.58
C ALA A 24 42.78 2.44 20.90
N LEU A 25 42.08 3.19 20.03
CA LEU A 25 40.86 2.72 19.41
C LEU A 25 41.09 2.07 18.06
N ARG A 26 42.34 1.79 17.70
CA ARG A 26 42.68 1.53 16.29
C ARG A 26 42.26 0.13 15.86
N ASP A 27 42.49 -0.88 16.68
CA ASP A 27 42.11 -2.23 16.23
C ASP A 27 41.13 -2.90 17.17
N ILE A 28 40.39 -2.12 17.94
CA ILE A 28 39.19 -2.64 18.61
C ILE A 28 37.97 -2.09 17.86
N PRO A 29 36.83 -2.78 17.89
CA PRO A 29 35.64 -2.29 17.19
C PRO A 29 35.02 -1.08 17.89
N ILE A 30 34.87 0.01 17.13
CA ILE A 30 34.31 1.25 17.64
C ILE A 30 33.24 1.76 16.68
N ALA A 31 32.35 2.60 17.21
CA ALA A 31 31.33 3.22 16.36
C ALA A 31 30.90 4.51 17.01
N ILE A 32 30.62 5.51 16.19
CA ILE A 32 29.99 6.72 16.66
C ILE A 32 28.50 6.51 16.53
N GLY A 33 27.78 6.64 17.63
CA GLY A 33 26.33 6.47 17.61
C GLY A 33 25.77 6.64 19.01
N GLY A 34 24.45 6.84 19.05
CA GLY A 34 23.75 7.00 20.33
C GLY A 34 23.54 5.66 21.00
N SER A 35 23.61 5.69 22.34
CA SER A 35 23.49 4.47 23.12
C SER A 35 22.15 3.79 22.85
N ARG A 36 22.10 2.50 23.20
CA ARG A 36 20.87 1.74 23.10
C ARG A 36 19.80 2.30 24.04
N GLU A 37 20.21 2.83 25.18
CA GLU A 37 19.24 3.44 26.09
C GLU A 37 18.65 4.71 25.51
N ARG A 38 19.37 5.40 24.63
CA ARG A 38 18.83 6.59 23.99
C ARG A 38 18.09 6.29 22.70
N ARG A 39 17.91 4.99 22.39
CA ARG A 39 17.26 4.53 21.15
C ARG A 39 18.03 5.00 19.91
N GLY A 40 19.36 5.01 20.01
CA GLY A 40 20.19 5.59 18.97
C GLY A 40 20.48 4.65 17.80
N VAL A 41 21.24 5.19 16.84
CA VAL A 41 21.71 4.43 15.69
C VAL A 41 23.21 4.66 15.52
N ILE A 42 23.81 3.83 14.66
CA ILE A 42 25.22 3.98 14.34
C ILE A 42 25.36 5.06 13.27
N SER A 43 26.22 6.06 13.54
CA SER A 43 26.59 7.00 12.48
C SER A 43 27.60 6.37 11.54
N THR A 44 28.67 5.82 12.11
CA THR A 44 29.60 5.03 11.32
C THR A 44 30.42 4.16 12.27
N ALA A 45 31.15 3.24 11.68
CA ALA A 45 31.95 2.29 12.44
C ALA A 45 33.30 2.10 11.74
N ASN A 46 34.29 1.70 12.52
CA ASN A 46 35.58 1.38 11.96
C ASN A 46 35.57 -0.04 11.37
N TYR A 47 36.67 -0.42 10.69
CA TYR A 47 36.71 -1.70 9.98
C TYR A 47 36.66 -2.88 10.97
N PRO A 48 37.31 -2.81 12.14
CA PRO A 48 37.11 -3.90 13.10
C PRO A 48 35.66 -4.09 13.54
N ALA A 49 34.85 -3.01 13.62
CA ALA A 49 33.42 -3.20 13.89
C ALA A 49 32.66 -3.67 12.66
N ARG A 50 32.98 -3.12 11.47
CA ARG A 50 32.28 -3.53 10.25
C ARG A 50 32.43 -5.02 9.98
N LYS A 51 33.54 -5.61 10.44
CA LYS A 51 33.73 -7.05 10.27
C LYS A 51 32.60 -7.84 10.91
N PHE A 52 32.02 -7.32 11.99
CA PHE A 52 30.90 -7.98 12.67
C PHE A 52 29.56 -7.71 12.00
N GLY A 53 29.53 -6.91 10.93
CA GLY A 53 28.28 -6.51 10.31
C GLY A 53 27.77 -5.13 10.69
N VAL A 54 28.49 -4.38 11.53
CA VAL A 54 28.05 -3.07 11.96
C VAL A 54 28.10 -2.10 10.78
N ARG A 55 27.00 -1.36 10.56
CA ARG A 55 26.85 -0.45 9.42
C ARG A 55 26.23 0.88 9.87
N SER A 56 26.55 1.96 9.14
CA SER A 56 25.83 3.22 9.29
C SER A 56 24.32 3.00 9.19
N ALA A 57 23.57 3.65 10.07
CA ALA A 57 22.11 3.66 10.14
C ALA A 57 21.57 2.40 10.82
N MET A 58 22.42 1.53 11.31
CA MET A 58 21.92 0.39 12.05
C MET A 58 21.46 0.81 13.46
N PRO A 59 20.33 0.33 13.92
CA PRO A 59 19.95 0.57 15.32
C PRO A 59 21.03 0.05 16.25
N THR A 60 21.36 0.85 17.27
CA THR A 60 22.51 0.52 18.09
C THR A 60 22.32 -0.81 18.83
N GLY A 61 21.07 -1.15 19.18
CA GLY A 61 20.79 -2.45 19.75
C GLY A 61 21.16 -3.59 18.81
N MET A 62 20.86 -3.45 17.52
CA MET A 62 21.30 -4.46 16.58
C MET A 62 22.83 -4.48 16.48
N ALA A 63 23.46 -3.30 16.46
CA ALA A 63 24.93 -3.22 16.40
C ALA A 63 25.58 -4.01 17.51
N LEU A 64 25.02 -3.92 18.72
CA LEU A 64 25.64 -4.54 19.89
C LEU A 64 25.32 -6.03 19.96
N LYS A 65 24.23 -6.49 19.33
CA LYS A 65 23.98 -7.92 19.27
C LYS A 65 24.94 -8.61 18.30
N LEU A 66 25.30 -7.92 17.21
CA LEU A 66 26.31 -8.43 16.31
C LEU A 66 27.70 -8.31 16.87
N CYS A 67 27.95 -7.31 17.71
CA CYS A 67 29.30 -6.97 18.16
C CYS A 67 29.27 -6.54 19.62
N PRO A 68 29.24 -7.50 20.55
CA PRO A 68 29.05 -7.17 21.97
C PRO A 68 30.15 -6.30 22.58
N HIS A 69 31.38 -6.33 22.05
CA HIS A 69 32.45 -5.49 22.58
C HIS A 69 32.51 -4.12 21.93
N LEU A 70 31.55 -3.77 21.09
CA LEU A 70 31.58 -2.48 20.39
C LEU A 70 31.74 -1.32 21.36
N THR A 71 32.76 -0.50 21.15
CA THR A 71 32.93 0.73 21.94
C THR A 71 32.17 1.86 21.26
N LEU A 72 31.30 2.51 22.03
CA LEU A 72 30.37 3.49 21.50
C LEU A 72 30.84 4.88 21.87
N LEU A 73 31.00 5.76 20.86
CA LEU A 73 31.49 7.11 21.07
C LEU A 73 30.43 8.12 20.70
N PRO A 74 30.36 9.27 21.39
CA PRO A 74 29.29 10.23 21.11
C PRO A 74 29.53 11.11 19.91
N GLY A 75 30.77 11.35 19.52
CA GLY A 75 31.00 12.20 18.38
C GLY A 75 31.46 13.58 18.78
N ARG A 76 32.48 14.09 18.08
CA ARG A 76 33.06 15.40 18.32
C ARG A 76 32.93 16.17 17.01
N PHE A 77 31.80 16.85 16.84
CA PHE A 77 31.53 17.42 15.52
C PHE A 77 32.47 18.57 15.16
N ASP A 78 33.00 19.30 16.15
CA ASP A 78 33.98 20.34 15.81
C ASP A 78 35.27 19.75 15.25
N ALA A 79 35.68 18.57 15.76
CA ALA A 79 36.87 17.92 15.21
C ALA A 79 36.60 17.44 13.78
N TYR A 80 35.39 16.97 13.50
CA TYR A 80 35.07 16.56 12.12
C TYR A 80 35.02 17.75 11.18
N LYS A 81 34.40 18.85 11.64
CA LYS A 81 34.32 20.06 10.83
C LYS A 81 35.72 20.62 10.55
N GLU A 82 36.62 20.53 11.52
CA GLU A 82 37.98 21.01 11.31
C GLU A 82 38.67 20.19 10.23
N ALA A 83 38.57 18.87 10.29
CA ALA A 83 39.15 18.04 9.25
C ALA A 83 38.49 18.32 7.91
N SER A 84 37.18 18.62 7.92
CA SER A 84 36.47 18.94 6.68
C SER A 84 37.02 20.22 6.06
N ASN A 85 37.19 21.26 6.87
CA ASN A 85 37.70 22.52 6.31
C ASN A 85 39.08 22.33 5.72
N HIS A 86 39.90 21.50 6.37
CA HIS A 86 41.27 21.28 5.94
C HIS A 86 41.32 20.55 4.59
N ILE A 87 40.50 19.51 4.41
CA ILE A 87 40.57 18.83 3.12
C ILE A 87 39.99 19.72 2.02
N ARG A 88 39.03 20.58 2.34
CA ARG A 88 38.49 21.47 1.30
C ARG A 88 39.50 22.51 0.89
N GLU A 89 40.33 22.95 1.82
CA GLU A 89 41.43 23.84 1.48
C GLU A 89 42.48 23.10 0.65
N ILE A 90 42.74 21.83 0.97
CA ILE A 90 43.60 21.02 0.11
C ILE A 90 43.02 20.93 -1.31
N PHE A 91 41.70 20.70 -1.41
CA PHE A 91 41.06 20.68 -2.72
C PHE A 91 41.33 21.99 -3.48
N SER A 92 41.25 23.12 -2.77
CA SER A 92 41.39 24.43 -3.40
C SER A 92 42.78 24.65 -4.00
N ARG A 93 43.80 23.95 -3.51
CA ARG A 93 45.13 24.09 -4.12
C ARG A 93 45.16 23.56 -5.54
N TYR A 94 44.15 22.81 -5.97
CA TYR A 94 44.16 22.16 -7.28
C TYR A 94 43.15 22.74 -8.26
N THR A 95 42.02 23.22 -7.76
CA THR A 95 41.00 23.87 -8.56
C THR A 95 40.07 24.60 -7.61
N SER A 96 39.39 25.59 -8.15
CA SER A 96 38.28 26.23 -7.47
C SER A 96 36.96 25.53 -7.74
N ARG A 97 36.95 24.57 -8.66
CA ARG A 97 35.71 23.89 -9.05
C ARG A 97 35.45 22.72 -8.10
N ILE A 98 34.95 23.08 -6.92
CA ILE A 98 34.76 22.19 -5.77
C ILE A 98 33.30 22.24 -5.35
N GLU A 99 32.63 21.09 -5.40
CA GLU A 99 31.26 20.99 -4.91
C GLU A 99 31.23 20.01 -3.74
N PRO A 100 31.33 20.49 -2.51
CA PRO A 100 31.21 19.58 -1.37
C PRO A 100 29.78 19.07 -1.25
N LEU A 101 29.65 17.79 -0.89
CA LEU A 101 28.35 17.16 -0.74
C LEU A 101 28.02 16.85 0.70
N SER A 102 29.00 17.00 1.61
CA SER A 102 28.87 16.70 3.02
C SER A 102 30.22 17.06 3.63
N LEU A 103 30.40 16.84 4.94
CA LEU A 103 31.69 17.11 5.55
C LEU A 103 32.84 16.43 4.81
N ASP A 104 32.70 15.16 4.46
CA ASP A 104 33.85 14.31 4.14
C ASP A 104 34.02 14.03 2.64
N GLU A 105 33.35 14.77 1.77
CA GLU A 105 33.44 14.40 0.36
C GLU A 105 33.12 15.61 -0.51
N ALA A 106 33.65 15.58 -1.73
CA ALA A 106 33.46 16.66 -2.71
C ALA A 106 33.62 16.08 -4.11
N TYR A 107 32.90 16.67 -5.06
CA TYR A 107 33.25 16.59 -6.47
C TYR A 107 34.27 17.67 -6.80
N LEU A 108 35.20 17.34 -7.70
CA LEU A 108 36.17 18.28 -8.26
C LEU A 108 36.11 18.19 -9.77
N ASP A 109 36.03 19.32 -10.46
CA ASP A 109 36.09 19.31 -11.92
C ASP A 109 37.48 19.78 -12.30
N VAL A 110 38.33 18.85 -12.75
CA VAL A 110 39.73 19.16 -13.05
C VAL A 110 39.98 19.16 -14.56
N THR A 111 38.92 19.30 -15.36
CA THR A 111 39.03 19.36 -16.82
C THR A 111 40.04 20.42 -17.27
N ASP A 112 39.93 21.63 -16.73
CA ASP A 112 40.77 22.75 -17.12
C ASP A 112 41.98 22.91 -16.21
N SER A 113 42.38 21.86 -15.49
CA SER A 113 43.50 21.98 -14.58
C SER A 113 44.83 21.77 -15.31
N VAL A 114 45.87 22.44 -14.82
CA VAL A 114 47.22 22.29 -15.35
C VAL A 114 48.12 21.48 -14.40
N HIS A 115 47.59 21.01 -13.29
CA HIS A 115 48.38 20.20 -12.36
C HIS A 115 48.63 18.81 -12.91
N CYS A 116 49.78 18.24 -12.55
CA CYS A 116 50.11 16.85 -12.86
C CYS A 116 49.90 16.52 -14.33
N HIS A 117 50.36 17.43 -15.19
CA HIS A 117 50.30 17.27 -16.65
C HIS A 117 48.87 17.01 -17.12
N GLY A 118 47.89 17.57 -16.40
CA GLY A 118 46.50 17.33 -16.74
C GLY A 118 45.99 15.95 -16.43
N SER A 119 46.76 15.12 -15.73
CA SER A 119 46.31 13.79 -15.34
C SER A 119 45.35 13.88 -14.16
N ALA A 120 44.09 13.54 -14.38
CA ALA A 120 43.14 13.47 -13.27
C ALA A 120 43.51 12.35 -12.31
N THR A 121 44.14 11.28 -12.82
CA THR A 121 44.53 10.15 -11.96
C THR A 121 45.61 10.57 -10.98
N LEU A 122 46.60 11.33 -11.46
CA LEU A 122 47.70 11.77 -10.60
C LEU A 122 47.24 12.85 -9.64
N ILE A 123 46.32 13.72 -10.08
CA ILE A 123 45.76 14.74 -9.20
C ILE A 123 45.07 14.07 -8.02
N ALA A 124 44.22 13.07 -8.30
CA ALA A 124 43.50 12.40 -7.22
C ALA A 124 44.46 11.74 -6.26
N GLN A 125 45.54 11.17 -6.81
CA GLN A 125 46.54 10.50 -6.00
C GLN A 125 47.32 11.51 -5.14
N GLU A 126 47.65 12.66 -5.71
CA GLU A 126 48.32 13.69 -4.93
C GLU A 126 47.42 14.23 -3.82
N ILE A 127 46.14 14.45 -4.14
CA ILE A 127 45.21 14.90 -3.11
C ILE A 127 45.13 13.89 -1.98
N ARG A 128 45.00 12.59 -2.31
CA ARG A 128 44.86 11.59 -1.26
C ARG A 128 46.11 11.52 -0.41
N GLN A 129 47.27 11.67 -1.05
CA GLN A 129 48.53 11.60 -0.30
C GLN A 129 48.68 12.84 0.58
N THR A 130 48.31 14.00 0.02
CA THR A 130 48.39 15.23 0.79
C THR A 130 47.46 15.20 1.99
N ILE A 131 46.25 14.65 1.83
CA ILE A 131 45.34 14.53 2.96
C ILE A 131 45.93 13.60 4.03
N PHE A 132 46.59 12.52 3.61
CA PHE A 132 47.21 11.62 4.58
C PHE A 132 48.36 12.30 5.32
N ASN A 133 49.30 12.89 4.57
CA ASN A 133 50.12 13.91 5.19
C ASN A 133 49.20 15.03 5.70
N GLU A 134 49.71 15.88 6.57
CA GLU A 134 48.91 17.00 7.09
C GLU A 134 47.72 16.61 7.98
N LEU A 135 46.98 15.55 7.69
CA LEU A 135 45.87 15.19 8.58
C LEU A 135 45.95 13.79 9.19
N GLN A 136 46.75 12.88 8.64
CA GLN A 136 46.86 11.51 9.15
C GLN A 136 45.52 10.78 9.06
N LEU A 137 44.77 11.10 8.02
CA LEU A 137 43.51 10.45 7.68
C LEU A 137 43.61 9.97 6.25
N THR A 138 42.97 8.85 5.92
CA THR A 138 43.06 8.39 4.54
C THR A 138 41.76 8.68 3.80
N ALA A 139 41.90 8.83 2.49
CA ALA A 139 40.78 9.12 1.61
C ALA A 139 40.87 8.20 0.41
N SER A 140 39.71 7.91 -0.16
CA SER A 140 39.60 7.20 -1.41
C SER A 140 39.12 8.16 -2.49
N ALA A 141 39.26 7.78 -3.77
CA ALA A 141 38.84 8.67 -4.81
C ALA A 141 38.28 7.91 -6.02
N GLY A 142 37.43 8.61 -6.76
CA GLY A 142 36.88 8.10 -8.01
C GLY A 142 37.13 9.10 -9.11
N VAL A 143 37.50 8.60 -10.29
CA VAL A 143 37.77 9.47 -11.46
C VAL A 143 36.93 8.96 -12.63
N ALA A 144 36.21 9.86 -13.28
CA ALA A 144 35.27 9.46 -14.33
C ALA A 144 34.93 10.69 -15.18
N PRO A 145 34.21 10.53 -16.30
CA PRO A 145 33.79 11.69 -17.10
C PRO A 145 32.54 12.42 -16.64
N VAL A 146 31.78 11.88 -15.69
CA VAL A 146 30.56 12.51 -15.16
C VAL A 146 30.50 12.26 -13.66
N LYS A 147 29.66 13.05 -12.96
CA LYS A 147 29.62 13.00 -11.50
C LYS A 147 29.32 11.60 -10.96
N PHE A 148 28.21 10.99 -11.40
CA PHE A 148 27.73 9.83 -10.66
C PHE A 148 28.66 8.64 -10.80
N LEU A 149 29.32 8.50 -11.95
CA LEU A 149 30.30 7.45 -12.11
C LEU A 149 31.53 7.71 -11.27
N ALA A 150 31.95 8.98 -11.17
CA ALA A 150 33.07 9.30 -10.29
C ALA A 150 32.73 8.91 -8.84
N LYS A 151 31.48 9.12 -8.43
CA LYS A 151 31.10 8.82 -7.04
C LYS A 151 31.01 7.31 -6.80
N ILE A 152 30.43 6.56 -7.77
CA ILE A 152 30.47 5.10 -7.68
C ILE A 152 31.92 4.61 -7.63
N ALA A 153 32.80 5.22 -8.42
CA ALA A 153 34.18 4.75 -8.49
C ALA A 153 34.93 4.94 -7.18
N SER A 154 34.61 5.99 -6.41
CA SER A 154 35.39 6.22 -5.19
C SER A 154 35.15 5.13 -4.15
N ASP A 155 34.07 4.38 -4.27
CA ASP A 155 33.78 3.28 -3.36
C ASP A 155 34.50 2.00 -3.70
N MET A 156 35.01 1.85 -4.92
CA MET A 156 35.38 0.53 -5.40
C MET A 156 36.75 0.08 -4.95
N ASN A 157 37.65 1.01 -4.67
CA ASN A 157 38.94 0.70 -4.09
C ASN A 157 39.08 1.31 -2.70
N LYS A 158 37.97 1.39 -1.95
CA LYS A 158 37.99 1.79 -0.54
C LYS A 158 38.48 0.66 0.36
N PRO A 159 39.25 0.96 1.41
CA PRO A 159 39.80 2.26 1.84
C PRO A 159 41.15 2.58 1.24
N ASN A 160 41.53 3.85 1.23
CA ASN A 160 42.87 4.27 0.84
C ASN A 160 43.22 3.75 -0.55
N GLY A 161 42.32 4.01 -1.50
CA GLY A 161 42.58 3.62 -2.88
C GLY A 161 41.74 4.48 -3.80
N GLN A 162 41.92 4.27 -5.11
CA GLN A 162 41.10 4.98 -6.09
C GLN A 162 40.82 4.08 -7.28
N PHE A 163 39.92 4.54 -8.14
CA PHE A 163 39.48 3.79 -9.29
C PHE A 163 39.11 4.77 -10.40
N VAL A 164 39.54 4.48 -11.63
CA VAL A 164 39.39 5.36 -12.79
C VAL A 164 38.50 4.67 -13.82
N ILE A 165 37.54 5.41 -14.35
CA ILE A 165 36.64 4.89 -15.39
C ILE A 165 36.78 5.79 -16.61
N THR A 166 37.42 5.28 -17.68
CA THR A 166 37.56 6.07 -18.92
C THR A 166 36.30 5.96 -19.77
N PRO A 167 36.10 6.87 -20.73
CA PRO A 167 34.92 6.75 -21.60
C PRO A 167 34.85 5.41 -22.32
N ALA A 168 36.00 4.85 -22.71
CA ALA A 168 35.99 3.57 -23.40
C ALA A 168 35.46 2.45 -22.49
N GLU A 169 35.73 2.52 -21.19
CA GLU A 169 35.25 1.55 -20.23
C GLU A 169 33.80 1.77 -19.76
N VAL A 170 33.19 2.92 -20.04
CA VAL A 170 31.83 3.20 -19.53
C VAL A 170 30.82 2.12 -19.92
N PRO A 171 30.76 1.65 -21.18
CA PRO A 171 29.68 0.70 -21.52
C PRO A 171 29.76 -0.65 -20.81
N ALA A 172 30.97 -1.21 -20.64
CA ALA A 172 31.08 -2.48 -19.92
C ALA A 172 30.75 -2.27 -18.45
N PHE A 173 31.21 -1.16 -17.88
CA PHE A 173 30.90 -0.85 -16.47
C PHE A 173 29.39 -0.81 -16.25
N LEU A 174 28.65 -0.08 -17.10
CA LEU A 174 27.22 0.10 -16.94
C LEU A 174 26.44 -1.19 -17.07
N GLN A 175 26.87 -2.07 -17.99
CA GLN A 175 26.06 -3.21 -18.38
C GLN A 175 25.57 -4.01 -17.18
N THR A 176 26.46 -4.28 -16.22
CA THR A 176 26.17 -5.07 -15.02
C THR A 176 25.99 -4.22 -13.77
N LEU A 177 25.95 -2.89 -13.87
CA LEU A 177 25.86 -2.06 -12.66
C LEU A 177 24.48 -2.13 -12.02
N PRO A 178 24.36 -2.55 -10.75
CA PRO A 178 23.03 -2.53 -10.10
C PRO A 178 22.48 -1.12 -10.03
N LEU A 179 21.18 -0.98 -10.32
CA LEU A 179 20.56 0.33 -10.27
C LEU A 179 20.70 0.96 -8.90
N ALA A 180 20.64 0.14 -7.85
CA ALA A 180 20.76 0.67 -6.49
C ALA A 180 22.10 1.34 -6.26
N LYS A 181 23.08 1.19 -7.14
CA LYS A 181 24.33 1.88 -6.88
C LYS A 181 24.31 3.33 -7.36
N ILE A 182 23.34 3.69 -8.17
CA ILE A 182 23.24 5.09 -8.62
C ILE A 182 22.81 5.95 -7.45
N PRO A 183 23.53 7.03 -7.11
CA PRO A 183 23.08 7.92 -6.04
C PRO A 183 21.70 8.48 -6.35
N GLY A 184 20.78 8.32 -5.41
CA GLY A 184 19.41 8.76 -5.58
C GLY A 184 18.43 7.66 -5.92
N VAL A 185 18.92 6.46 -6.22
CA VAL A 185 18.09 5.26 -6.31
C VAL A 185 18.29 4.54 -4.99
N GLY A 186 17.28 4.57 -4.13
CA GLY A 186 17.34 3.96 -2.82
C GLY A 186 16.58 2.66 -2.74
N LYS A 187 16.26 2.25 -1.52
CA LYS A 187 15.68 0.91 -1.35
C LYS A 187 14.28 0.83 -1.93
N VAL A 188 13.48 1.89 -1.78
CA VAL A 188 12.12 1.86 -2.31
C VAL A 188 12.15 1.79 -3.83
N SER A 189 12.95 2.67 -4.44
CA SER A 189 13.04 2.67 -5.90
C SER A 189 13.62 1.37 -6.41
N ALA A 190 14.69 0.87 -5.78
CA ALA A 190 15.30 -0.36 -6.27
C ALA A 190 14.31 -1.51 -6.21
N ALA A 191 13.43 -1.50 -5.20
CA ALA A 191 12.47 -2.60 -5.04
C ALA A 191 11.35 -2.50 -6.07
N LYS A 192 10.87 -1.27 -6.36
CA LYS A 192 9.95 -1.11 -7.48
C LYS A 192 10.59 -1.52 -8.80
N LEU A 193 11.85 -1.12 -9.02
CA LEU A 193 12.53 -1.44 -10.27
C LEU A 193 12.73 -2.95 -10.38
N GLU A 194 13.17 -3.58 -9.29
CA GLU A 194 13.32 -5.02 -9.25
C GLU A 194 12.02 -5.74 -9.55
N ALA A 195 10.90 -5.21 -9.07
CA ALA A 195 9.63 -5.92 -9.27
C ALA A 195 9.09 -5.78 -10.68
N MET A 196 9.63 -4.89 -11.50
CA MET A 196 9.35 -4.94 -12.93
C MET A 196 10.48 -5.58 -13.72
N GLY A 197 11.38 -6.28 -13.04
CA GLY A 197 12.46 -6.95 -13.75
C GLY A 197 13.63 -6.08 -14.13
N LEU A 198 13.81 -4.96 -13.46
CA LEU A 198 14.89 -4.04 -13.77
C LEU A 198 15.85 -4.05 -12.59
N ARG A 199 17.05 -4.57 -12.79
CA ARG A 199 18.03 -4.64 -11.73
C ARG A 199 19.28 -3.84 -12.03
N THR A 200 19.72 -3.83 -13.28
CA THR A 200 20.95 -3.18 -13.71
C THR A 200 20.68 -2.09 -14.75
N CYS A 201 21.70 -1.27 -14.99
CA CYS A 201 21.65 -0.29 -16.08
C CYS A 201 21.48 -0.97 -17.43
N GLY A 202 22.08 -2.14 -17.59
CA GLY A 202 21.87 -2.92 -18.81
C GLY A 202 20.41 -3.23 -19.06
N ASP A 203 19.65 -3.51 -17.98
CA ASP A 203 18.21 -3.77 -18.11
C ASP A 203 17.45 -2.51 -18.51
N VAL A 204 17.83 -1.37 -17.93
CA VAL A 204 17.14 -0.13 -18.24
C VAL A 204 17.43 0.32 -19.66
N GLN A 205 18.65 0.08 -20.15
CA GLN A 205 18.96 0.41 -21.53
C GLN A 205 17.97 -0.21 -22.51
N LYS A 206 17.49 -1.41 -22.20
CA LYS A 206 16.50 -2.07 -23.04
C LYS A 206 15.08 -1.53 -22.83
N CYS A 207 14.92 -0.40 -22.14
CA CYS A 207 13.62 0.15 -21.82
C CYS A 207 13.35 1.40 -22.65
N ASP A 208 12.06 1.68 -22.82
CA ASP A 208 11.57 2.86 -23.51
C ASP A 208 11.50 4.04 -22.57
N LEU A 209 12.09 5.15 -22.98
CA LEU A 209 12.02 6.38 -22.20
C LEU A 209 10.57 6.77 -21.88
N VAL A 210 9.67 6.61 -22.85
CA VAL A 210 8.30 7.07 -22.63
C VAL A 210 7.66 6.28 -21.49
N MET A 211 7.92 4.97 -21.44
CA MET A 211 7.41 4.17 -20.33
C MET A 211 8.01 4.63 -19.00
N LEU A 212 9.33 4.82 -18.96
CA LEU A 212 9.98 5.29 -17.73
C LEU A 212 9.36 6.58 -17.25
N LEU A 213 9.07 7.51 -18.17
CA LEU A 213 8.51 8.81 -17.81
C LEU A 213 7.12 8.65 -17.18
N LYS A 214 6.28 7.82 -17.79
CA LYS A 214 4.95 7.60 -17.22
C LYS A 214 5.05 6.94 -15.85
N ARG A 215 5.95 5.96 -15.70
CA ARG A 215 5.98 5.16 -14.48
C ARG A 215 6.70 5.84 -13.32
N PHE A 216 7.65 6.75 -13.59
CA PHE A 216 8.42 7.36 -12.52
C PHE A 216 8.55 8.87 -12.65
N GLY A 217 7.85 9.48 -13.62
CA GLY A 217 7.99 10.92 -13.75
C GLY A 217 9.41 11.32 -14.12
N LYS A 218 9.80 12.51 -13.65
CA LYS A 218 11.14 13.00 -13.92
C LYS A 218 12.22 12.07 -13.40
N PHE A 219 11.91 11.25 -12.38
CA PHE A 219 12.86 10.24 -11.95
C PHE A 219 13.13 9.22 -13.06
N GLY A 220 12.11 8.86 -13.84
CA GLY A 220 12.32 7.94 -14.95
C GLY A 220 13.28 8.46 -16.00
N ARG A 221 13.28 9.78 -16.26
CA ARG A 221 14.28 10.36 -17.14
C ARG A 221 15.69 10.18 -16.57
N ILE A 222 15.87 10.46 -15.28
CA ILE A 222 17.19 10.29 -14.64
C ILE A 222 17.65 8.84 -14.78
N LEU A 223 16.75 7.89 -14.51
CA LEU A 223 17.08 6.48 -14.61
C LEU A 223 17.54 6.13 -16.03
N TRP A 224 16.78 6.57 -17.02
CA TRP A 224 17.14 6.34 -18.42
C TRP A 224 18.50 6.96 -18.75
N GLU A 225 18.73 8.20 -18.31
CA GLU A 225 19.98 8.89 -18.62
C GLU A 225 21.16 8.16 -17.97
N ARG A 226 21.12 8.03 -16.65
CA ARG A 226 22.24 7.42 -15.92
C ARG A 226 22.58 6.03 -16.45
N SER A 227 21.58 5.24 -16.84
CA SER A 227 21.83 3.89 -17.35
C SER A 227 22.64 3.88 -18.63
N GLN A 228 22.90 5.05 -19.19
CA GLN A 228 23.66 5.20 -20.43
C GLN A 228 24.93 6.00 -20.24
N GLY A 229 25.32 6.25 -18.99
CA GLY A 229 26.46 7.08 -18.71
C GLY A 229 26.18 8.56 -18.82
N ILE A 230 24.94 8.96 -19.11
CA ILE A 230 24.62 10.37 -19.35
C ILE A 230 24.41 11.04 -18.02
N ASP A 231 25.21 12.08 -17.76
CA ASP A 231 25.06 12.83 -16.52
C ASP A 231 25.72 14.18 -16.79
N GLU A 232 24.92 15.13 -17.27
CA GLU A 232 25.44 16.44 -17.62
C GLU A 232 25.52 17.40 -16.45
N ARG A 233 25.18 16.97 -15.23
CA ARG A 233 25.19 17.90 -14.11
C ARG A 233 26.59 18.50 -13.91
N ASP A 234 26.65 19.82 -13.83
CA ASP A 234 27.92 20.53 -13.69
C ASP A 234 28.35 20.57 -12.23
N VAL A 235 29.67 20.50 -12.01
CA VAL A 235 30.19 20.73 -10.67
C VAL A 235 29.90 22.18 -10.28
N ASN A 236 29.17 22.37 -9.19
CA ASN A 236 28.66 23.68 -8.79
C ASN A 236 29.28 24.06 -7.45
N SER A 237 30.13 25.08 -7.46
CA SER A 237 30.83 25.54 -6.27
C SER A 237 30.09 26.66 -5.53
N GLU A 238 28.82 26.94 -5.84
CA GLU A 238 28.19 28.06 -5.16
C GLU A 238 26.83 27.69 -4.53
N ARG A 239 26.69 26.45 -4.09
CA ARG A 239 25.50 26.04 -3.38
C ARG A 239 25.50 26.59 -1.96
N LEU A 240 24.31 26.91 -1.47
CA LEU A 240 24.14 27.55 -0.16
C LEU A 240 23.08 26.80 0.63
N ARG A 241 23.27 26.76 1.94
CA ARG A 241 22.33 26.12 2.84
C ARG A 241 20.97 26.81 2.81
N LYS A 242 19.91 26.03 3.00
CA LYS A 242 18.54 26.52 2.87
C LYS A 242 17.69 26.36 4.12
N SER A 243 18.17 25.66 5.13
CA SER A 243 17.36 25.37 6.30
C SER A 243 18.31 25.07 7.45
N VAL A 244 17.76 25.13 8.66
CA VAL A 244 18.46 24.77 9.87
C VAL A 244 17.45 24.01 10.72
N GLY A 245 17.87 22.89 11.28
CA GLY A 245 16.97 22.05 12.05
C GLY A 245 17.64 21.56 13.32
N VAL A 246 16.82 21.41 14.36
CA VAL A 246 17.28 20.86 15.63
C VAL A 246 16.17 19.97 16.15
N GLU A 247 16.47 18.69 16.35
CA GLU A 247 15.47 17.73 16.80
C GLU A 247 16.14 16.71 17.69
N ARG A 248 15.33 16.06 18.52
CA ARG A 248 15.81 15.12 19.51
C ARG A 248 14.81 13.98 19.64
N THR A 249 15.32 12.75 19.65
CA THR A 249 14.51 11.58 19.99
C THR A 249 14.68 11.29 21.47
N MET A 250 13.56 11.12 22.18
CA MET A 250 13.62 10.83 23.61
C MET A 250 13.85 9.34 23.88
N ALA A 251 14.41 9.05 25.05
CA ALA A 251 14.61 7.66 25.44
C ALA A 251 13.27 6.95 25.67
N GLU A 252 12.28 7.65 26.20
CA GLU A 252 10.92 7.12 26.31
C GLU A 252 9.96 8.04 25.57
N ASP A 253 8.89 7.45 25.02
CA ASP A 253 7.85 8.27 24.41
C ASP A 253 7.22 9.17 25.47
N ILE A 254 6.82 10.37 25.05
CA ILE A 254 6.16 11.31 25.95
C ILE A 254 4.68 11.30 25.65
N HIS A 255 3.86 11.59 26.66
CA HIS A 255 2.43 11.57 26.47
C HIS A 255 1.72 12.82 26.95
N HIS A 256 2.42 13.76 27.60
CA HIS A 256 1.81 14.97 28.12
C HIS A 256 2.42 16.19 27.45
N TRP A 257 1.57 17.18 27.16
CA TRP A 257 2.04 18.41 26.53
C TRP A 257 3.14 19.08 27.36
N SER A 258 3.03 19.05 28.69
CA SER A 258 4.08 19.64 29.52
C SER A 258 5.46 19.07 29.18
N GLU A 259 5.53 17.76 28.93
CA GLU A 259 6.80 17.16 28.58
C GLU A 259 7.28 17.65 27.22
N CYS A 260 6.37 17.78 26.25
CA CYS A 260 6.74 18.28 24.93
C CYS A 260 7.23 19.70 25.03
N GLU A 261 6.54 20.51 25.84
CA GLU A 261 6.93 21.91 26.01
C GLU A 261 8.31 22.03 26.64
N ALA A 262 8.61 21.17 27.64
CA ALA A 262 9.92 21.17 28.28
C ALA A 262 11.02 20.87 27.27
N ILE A 263 10.81 19.88 26.40
CA ILE A 263 11.81 19.54 25.39
C ILE A 263 12.07 20.73 24.47
N ILE A 264 11.00 21.42 24.05
CA ILE A 264 11.17 22.57 23.15
C ILE A 264 11.99 23.66 23.83
N GLU A 265 11.75 23.90 25.13
CA GLU A 265 12.53 24.90 25.85
C GLU A 265 14.04 24.60 25.78
N ARG A 266 14.44 23.33 25.67
CA ARG A 266 15.85 23.02 25.55
C ARG A 266 16.33 23.03 24.10
N LEU A 267 15.45 22.69 23.16
CA LEU A 267 15.81 22.74 21.74
C LEU A 267 16.01 24.18 21.27
N TYR A 268 15.17 25.11 21.74
CA TYR A 268 15.16 26.44 21.14
C TYR A 268 16.50 27.17 21.25
N PRO A 269 17.16 27.24 22.43
CA PRO A 269 18.48 27.91 22.47
C PRO A 269 19.47 27.39 21.43
N GLU A 270 19.45 26.09 21.18
CA GLU A 270 20.39 25.50 20.21
C GLU A 270 20.07 25.95 18.80
N LEU A 271 18.79 25.93 18.42
CA LEU A 271 18.36 26.48 17.15
C LEU A 271 18.80 27.93 16.99
N GLU A 272 18.59 28.75 18.03
CA GLU A 272 18.98 30.16 17.96
C GLU A 272 20.48 30.32 17.75
N ARG A 273 21.28 29.54 18.46
CA ARG A 273 22.74 29.65 18.34
C ARG A 273 23.22 29.26 16.95
N ARG A 274 22.63 28.20 16.38
CA ARG A 274 23.06 27.78 15.06
C ARG A 274 22.58 28.74 13.98
N LEU A 275 21.34 29.22 14.09
CA LEU A 275 20.87 30.23 13.14
C LEU A 275 21.75 31.47 13.19
N ALA A 276 22.17 31.87 14.39
CA ALA A 276 22.90 33.13 14.57
C ALA A 276 24.29 33.08 13.94
N LYS A 277 24.92 31.91 13.90
CA LYS A 277 26.23 31.81 13.25
C LYS A 277 26.17 32.21 11.77
N VAL A 278 25.01 32.04 11.15
CA VAL A 278 24.85 32.31 9.73
C VAL A 278 23.85 33.44 9.46
N LYS A 279 23.04 33.83 10.43
CA LYS A 279 22.08 34.92 10.27
C LYS A 279 22.01 35.65 11.60
N PRO A 280 22.94 36.56 11.86
CA PRO A 280 22.98 37.26 13.15
C PRO A 280 21.66 37.90 13.56
N ASP A 281 20.90 38.43 12.62
CA ASP A 281 19.67 39.12 12.99
C ASP A 281 18.49 38.17 13.14
N LEU A 282 18.71 36.86 12.98
CA LEU A 282 17.70 35.81 13.11
C LEU A 282 16.59 35.91 12.07
N LEU A 283 16.76 36.73 11.04
CA LEU A 283 15.72 36.89 10.02
C LEU A 283 15.69 35.67 9.10
N ILE A 284 14.48 35.15 8.88
CA ILE A 284 14.26 33.86 8.23
C ILE A 284 13.05 33.97 7.32
N ALA A 285 12.78 32.89 6.59
CA ALA A 285 11.64 32.81 5.68
C ALA A 285 10.46 32.06 6.30
N ARG A 286 10.70 30.96 7.00
CA ARG A 286 9.63 30.18 7.61
C ARG A 286 10.19 29.57 8.88
N GLN A 287 9.30 29.18 9.79
CA GLN A 287 9.72 28.37 10.93
C GLN A 287 8.62 27.38 11.27
N GLY A 288 9.02 26.30 11.92
CA GLY A 288 8.07 25.21 12.07
C GLY A 288 8.57 24.18 13.03
N VAL A 289 7.78 23.11 13.15
CA VAL A 289 8.02 22.12 14.16
C VAL A 289 7.77 20.75 13.53
N LYS A 290 8.14 19.74 14.28
CA LYS A 290 8.10 18.36 13.80
C LYS A 290 7.84 17.48 15.00
N LEU A 291 6.91 16.55 14.84
CA LEU A 291 6.69 15.50 15.81
C LEU A 291 6.79 14.16 15.10
N LYS A 292 7.36 13.18 15.77
CA LYS A 292 7.29 11.81 15.30
C LYS A 292 6.61 10.98 16.35
N PHE A 293 5.60 10.21 15.94
CA PHE A 293 4.80 9.47 16.91
C PHE A 293 5.37 8.06 17.08
N ASP A 294 4.77 7.31 18.00
CA ASP A 294 5.19 5.95 18.30
C ASP A 294 4.85 4.97 17.18
N ASP A 295 3.91 5.29 16.29
CA ASP A 295 3.70 4.52 15.07
C ASP A 295 4.64 4.95 13.94
N PHE A 296 5.68 5.73 14.26
CA PHE A 296 6.72 6.21 13.36
C PHE A 296 6.20 7.09 12.22
N GLN A 297 4.91 7.45 12.24
CA GLN A 297 4.47 8.50 11.35
C GLN A 297 5.04 9.81 11.86
N GLN A 298 5.37 10.71 10.95
CA GLN A 298 5.86 12.01 11.39
C GLN A 298 5.10 13.09 10.64
N THR A 299 5.02 14.26 11.26
CA THR A 299 4.30 15.38 10.69
C THR A 299 5.10 16.65 10.96
N THR A 300 5.00 17.57 10.03
CA THR A 300 5.65 18.86 10.13
C THR A 300 4.59 19.90 9.90
N GLN A 301 4.64 20.99 10.65
CA GLN A 301 3.88 22.13 10.20
C GLN A 301 4.70 23.38 10.43
N GLU A 302 4.74 24.17 9.37
CA GLU A 302 5.67 25.27 9.21
C GLU A 302 4.90 26.34 8.48
N HIS A 303 5.36 27.57 8.65
CA HIS A 303 4.64 28.68 8.05
C HIS A 303 5.59 29.84 7.84
N VAL A 304 5.25 30.70 6.89
CA VAL A 304 5.91 31.99 6.74
C VAL A 304 6.00 32.68 8.11
N TRP A 305 7.19 33.20 8.41
CA TRP A 305 7.45 33.85 9.69
C TRP A 305 8.73 34.63 9.48
N PRO A 306 8.81 35.89 9.92
CA PRO A 306 9.95 36.73 9.58
C PRO A 306 11.18 36.54 10.44
N ARG A 307 11.07 35.95 11.64
CA ARG A 307 12.19 35.96 12.58
C ARG A 307 12.00 34.96 13.73
N LEU A 308 13.03 34.16 13.98
CA LEU A 308 13.02 33.10 14.99
C LEU A 308 12.25 33.53 16.24
N ASN A 309 11.25 32.75 16.61
CA ASN A 309 10.38 33.12 17.72
C ASN A 309 9.99 31.87 18.50
N LYS A 310 10.43 31.79 19.77
CA LYS A 310 10.23 30.58 20.58
C LYS A 310 8.76 30.34 20.87
N ALA A 311 8.04 31.38 21.30
CA ALA A 311 6.63 31.20 21.67
C ALA A 311 5.80 30.68 20.50
N ASP A 312 5.99 31.24 19.30
CA ASP A 312 5.26 30.73 18.14
C ASP A 312 5.59 29.26 17.88
N LEU A 313 6.83 28.85 18.11
CA LEU A 313 7.14 27.43 17.91
C LEU A 313 6.41 26.58 18.93
N ILE A 314 6.44 27.00 20.20
CA ILE A 314 5.62 26.36 21.23
C ILE A 314 4.15 26.35 20.82
N ALA A 315 3.64 27.51 20.36
CA ALA A 315 2.24 27.59 19.97
C ALA A 315 1.92 26.61 18.86
N THR A 316 2.80 26.54 17.85
CA THR A 316 2.56 25.65 16.74
C THR A 316 2.60 24.20 17.19
N ALA A 317 3.62 23.85 17.98
CA ALA A 317 3.71 22.49 18.53
C ALA A 317 2.45 22.12 19.33
N ARG A 318 1.95 23.05 20.15
CA ARG A 318 0.70 22.80 20.86
C ARG A 318 -0.40 22.41 19.88
N LYS A 319 -0.56 23.19 18.82
CA LYS A 319 -1.61 22.93 17.85
C LYS A 319 -1.41 21.58 17.17
N THR A 320 -0.17 21.28 16.72
CA THR A 320 0.15 19.96 16.17
C THR A 320 -0.09 18.88 17.22
N TRP A 321 0.37 19.10 18.45
CA TRP A 321 0.11 18.14 19.51
C TRP A 321 -1.39 17.89 19.66
N ASP A 322 -2.19 18.95 19.72
CA ASP A 322 -3.63 18.74 19.89
C ASP A 322 -4.27 18.18 18.63
N GLU A 323 -3.87 18.68 17.45
CA GLU A 323 -4.67 18.41 16.25
C GLU A 323 -4.27 17.16 15.48
N ARG A 324 -3.01 16.72 15.55
CA ARG A 324 -2.61 15.60 14.70
C ARG A 324 -2.00 14.45 15.50
N ARG A 325 -2.11 14.44 16.83
CA ARG A 325 -1.47 13.36 17.58
C ARG A 325 -2.37 12.13 17.74
N GLY A 326 -3.65 12.33 18.04
CA GLY A 326 -4.58 11.23 18.15
C GLY A 326 -4.23 10.21 19.21
N GLY A 327 -3.72 10.67 20.36
CA GLY A 327 -3.45 9.79 21.48
C GLY A 327 -2.18 8.97 21.41
N ARG A 328 -1.45 9.00 20.29
CA ARG A 328 -0.20 8.27 20.23
C ARG A 328 0.83 8.96 21.11
N GLY A 329 1.75 8.16 21.67
CA GLY A 329 2.95 8.70 22.27
C GLY A 329 3.87 9.32 21.22
N VAL A 330 4.78 10.16 21.68
CA VAL A 330 5.67 10.94 20.80
C VAL A 330 7.10 10.57 21.14
N ARG A 331 7.88 10.17 20.12
CA ARG A 331 9.28 9.81 20.35
C ARG A 331 10.25 10.94 19.97
N LEU A 332 9.84 11.86 19.11
CA LEU A 332 10.74 12.92 18.66
C LEU A 332 10.01 14.24 18.62
N VAL A 333 10.73 15.30 18.99
CA VAL A 333 10.29 16.67 18.83
C VAL A 333 11.38 17.42 18.08
N GLY A 334 11.00 18.24 17.11
CA GLY A 334 11.97 19.01 16.37
C GLY A 334 11.49 20.43 16.07
N LEU A 335 12.47 21.31 15.90
CA LEU A 335 12.28 22.69 15.50
C LEU A 335 12.98 22.92 14.16
N HIS A 336 12.46 23.86 13.37
CA HIS A 336 12.94 23.97 12.00
C HIS A 336 12.77 25.40 11.51
N VAL A 337 13.68 25.80 10.63
CA VAL A 337 13.69 27.14 10.07
C VAL A 337 14.04 27.02 8.59
N THR A 338 13.33 27.76 7.74
CA THR A 338 13.70 27.85 6.33
C THR A 338 14.36 29.21 6.11
N LEU A 339 15.49 29.19 5.42
CA LEU A 339 16.31 30.39 5.31
C LEU A 339 15.79 31.28 4.18
N LEU A 340 16.00 32.59 4.32
CA LEU A 340 15.73 33.50 3.22
C LEU A 340 16.62 33.14 2.02
N ASP A 341 16.10 33.44 0.81
CA ASP A 341 16.57 32.92 -0.47
C ASP A 341 17.90 33.41 -1.04
N PRO A 342 18.50 34.53 -0.58
CA PRO A 342 19.64 34.90 -1.44
C PRO A 342 20.89 34.05 -1.21
N GLY B 1 -54.34 -12.19 -15.57
CA GLY B 1 -53.12 -11.53 -15.98
C GLY B 1 -51.96 -11.72 -15.03
N SER B 2 -51.31 -12.89 -15.10
CA SER B 2 -50.18 -13.21 -14.24
C SER B 2 -48.92 -13.34 -15.07
N ARG B 3 -47.81 -12.83 -14.51
CA ARG B 3 -46.52 -13.01 -15.13
C ARG B 3 -46.00 -14.44 -14.89
N LYS B 4 -44.98 -14.81 -15.64
CA LYS B 4 -44.29 -16.09 -15.47
C LYS B 4 -42.81 -15.80 -15.24
N ILE B 5 -42.34 -16.05 -14.02
CA ILE B 5 -40.98 -15.72 -13.62
C ILE B 5 -40.22 -17.01 -13.35
N ILE B 6 -39.00 -17.09 -13.88
CA ILE B 6 -38.10 -18.18 -13.57
C ILE B 6 -36.87 -17.60 -12.89
N HIS B 7 -36.43 -18.26 -11.82
CA HIS B 7 -35.13 -18.03 -11.24
C HIS B 7 -34.29 -19.27 -11.51
N VAL B 8 -33.16 -19.09 -12.20
CA VAL B 8 -32.21 -20.17 -12.47
C VAL B 8 -30.98 -19.92 -11.62
N ASP B 9 -30.50 -20.96 -10.95
CA ASP B 9 -29.43 -20.87 -9.95
C ASP B 9 -28.54 -22.08 -10.11
N MET B 10 -27.24 -21.86 -10.32
CA MET B 10 -26.35 -23.01 -10.49
C MET B 10 -26.09 -23.70 -9.15
N ASP B 11 -25.82 -25.00 -9.20
CA ASP B 11 -25.60 -25.79 -8.00
C ASP B 11 -24.13 -25.76 -7.60
N CYS B 12 -23.85 -25.38 -6.35
CA CYS B 12 -22.50 -25.33 -5.77
C CYS B 12 -21.50 -24.77 -6.77
N PHE B 13 -21.80 -23.56 -7.26
CA PHE B 13 -21.23 -23.09 -8.52
C PHE B 13 -19.72 -23.23 -8.56
N PHE B 14 -18.99 -22.58 -7.65
CA PHE B 14 -17.51 -22.62 -7.72
C PHE B 14 -17.02 -24.06 -7.62
N ALA B 15 -17.59 -24.84 -6.71
CA ALA B 15 -17.12 -26.22 -6.51
C ALA B 15 -17.53 -27.11 -7.67
N ALA B 16 -18.66 -26.82 -8.31
CA ALA B 16 -19.09 -27.63 -9.45
C ALA B 16 -18.12 -27.46 -10.61
N VAL B 17 -17.61 -26.24 -10.81
CA VAL B 17 -16.65 -26.01 -11.87
C VAL B 17 -15.36 -26.77 -11.58
N GLU B 18 -14.85 -26.68 -10.34
CA GLU B 18 -13.63 -27.40 -9.99
C GLU B 18 -13.80 -28.91 -10.11
N MET B 19 -14.98 -29.42 -9.73
CA MET B 19 -15.20 -30.86 -9.84
C MET B 19 -15.25 -31.33 -11.29
N ARG B 20 -15.93 -30.57 -12.15
CA ARG B 20 -15.99 -30.92 -13.57
C ARG B 20 -14.59 -30.93 -14.18
N ASP B 21 -13.78 -29.94 -13.85
CA ASP B 21 -12.45 -29.81 -14.43
C ASP B 21 -11.44 -30.76 -13.77
N ASN B 22 -11.79 -31.35 -12.63
CA ASN B 22 -10.89 -32.28 -11.93
C ASN B 22 -11.73 -33.33 -11.21
N PRO B 23 -11.99 -34.46 -11.88
CA PRO B 23 -12.95 -35.45 -11.32
C PRO B 23 -12.47 -36.18 -10.08
N ALA B 24 -11.18 -36.14 -9.73
CA ALA B 24 -10.77 -36.72 -8.45
C ALA B 24 -11.35 -35.99 -7.26
N LEU B 25 -11.97 -34.83 -7.46
CA LEU B 25 -12.59 -34.04 -6.40
C LEU B 25 -14.08 -34.33 -6.26
N ARG B 26 -14.60 -35.37 -6.94
CA ARG B 26 -16.05 -35.59 -6.96
C ARG B 26 -16.56 -36.09 -5.61
N ASP B 27 -15.89 -37.07 -5.02
CA ASP B 27 -16.41 -37.79 -3.86
C ASP B 27 -15.73 -37.40 -2.56
N ILE B 28 -14.89 -36.36 -2.57
CA ILE B 28 -14.17 -35.92 -1.39
C ILE B 28 -14.66 -34.53 -0.99
N PRO B 29 -14.58 -34.15 0.29
CA PRO B 29 -14.99 -32.79 0.68
C PRO B 29 -14.02 -31.74 0.15
N ILE B 30 -14.54 -30.80 -0.65
CA ILE B 30 -13.74 -29.67 -1.12
C ILE B 30 -14.48 -28.37 -0.80
N ALA B 31 -13.71 -27.29 -0.81
CA ALA B 31 -14.26 -25.95 -0.71
C ALA B 31 -13.32 -24.96 -1.41
N ILE B 32 -13.89 -23.88 -1.92
CA ILE B 32 -13.12 -22.74 -2.40
C ILE B 32 -13.07 -21.72 -1.26
N GLY B 33 -11.86 -21.29 -0.92
CA GLY B 33 -11.73 -20.26 0.11
C GLY B 33 -10.27 -19.99 0.40
N GLY B 34 -10.05 -18.98 1.24
CA GLY B 34 -8.71 -18.65 1.67
C GLY B 34 -8.27 -19.48 2.85
N SER B 35 -6.96 -19.69 2.96
CA SER B 35 -6.42 -20.51 4.03
C SER B 35 -6.57 -19.82 5.38
N ARG B 36 -6.37 -20.60 6.43
CA ARG B 36 -6.35 -20.03 7.77
C ARG B 36 -5.20 -19.03 7.92
N GLU B 37 -4.01 -19.38 7.41
CA GLU B 37 -2.87 -18.48 7.48
C GLU B 37 -3.22 -17.10 6.91
N ARG B 38 -4.05 -17.06 5.87
CA ARG B 38 -4.48 -15.82 5.24
C ARG B 38 -5.76 -15.26 5.87
N ARG B 39 -6.19 -15.81 7.01
CA ARG B 39 -7.38 -15.36 7.75
C ARG B 39 -8.64 -15.35 6.86
N GLY B 40 -8.83 -16.42 6.08
CA GLY B 40 -9.87 -16.49 5.09
C GLY B 40 -11.14 -17.22 5.53
N VAL B 41 -12.13 -17.18 4.65
CA VAL B 41 -13.41 -17.85 4.84
C VAL B 41 -13.67 -18.75 3.64
N ILE B 42 -14.77 -19.51 3.74
CA ILE B 42 -15.19 -20.44 2.71
C ILE B 42 -16.11 -19.72 1.73
N SER B 43 -15.77 -19.77 0.43
CA SER B 43 -16.64 -19.21 -0.60
C SER B 43 -17.83 -20.12 -0.86
N THR B 44 -17.58 -21.42 -1.04
CA THR B 44 -18.63 -22.42 -1.13
C THR B 44 -17.99 -23.79 -0.97
N ALA B 45 -18.83 -24.81 -0.84
CA ALA B 45 -18.34 -26.17 -0.60
C ALA B 45 -19.21 -27.15 -1.36
N ASN B 46 -18.64 -28.32 -1.66
CA ASN B 46 -19.44 -29.33 -2.29
C ASN B 46 -20.27 -30.08 -1.24
N TYR B 47 -21.17 -30.93 -1.73
CA TYR B 47 -22.05 -31.68 -0.84
C TYR B 47 -21.32 -32.62 0.11
N PRO B 48 -20.27 -33.35 -0.30
CA PRO B 48 -19.49 -34.11 0.69
C PRO B 48 -18.99 -33.23 1.83
N ALA B 49 -18.59 -31.99 1.52
CA ALA B 49 -18.12 -31.10 2.59
C ALA B 49 -19.26 -30.55 3.41
N ARG B 50 -20.45 -30.40 2.81
CA ARG B 50 -21.56 -29.79 3.54
C ARG B 50 -22.13 -30.70 4.61
N LYS B 51 -22.07 -32.02 4.44
CA LYS B 51 -22.65 -32.87 5.48
C LYS B 51 -21.84 -32.83 6.77
N PHE B 52 -20.58 -32.39 6.70
CA PHE B 52 -19.81 -32.03 7.89
C PHE B 52 -20.19 -30.66 8.44
N GLY B 53 -21.00 -29.89 7.69
CA GLY B 53 -21.42 -28.58 8.13
C GLY B 53 -20.66 -27.44 7.50
N VAL B 54 -19.76 -27.71 6.54
CA VAL B 54 -19.05 -26.63 5.89
C VAL B 54 -20.03 -25.79 5.09
N ARG B 55 -19.98 -24.48 5.27
CA ARG B 55 -20.92 -23.54 4.66
C ARG B 55 -20.17 -22.37 4.04
N SER B 56 -20.79 -21.72 3.06
CA SER B 56 -20.34 -20.40 2.64
C SER B 56 -20.23 -19.46 3.82
N ALA B 57 -19.20 -18.63 3.82
CA ALA B 57 -18.88 -17.58 4.80
C ALA B 57 -18.31 -18.13 6.10
N MET B 58 -18.23 -19.46 6.27
CA MET B 58 -17.64 -19.99 7.50
C MET B 58 -16.14 -19.70 7.52
N PRO B 59 -15.60 -19.25 8.65
CA PRO B 59 -14.14 -19.11 8.76
C PRO B 59 -13.47 -20.43 8.40
N THR B 60 -12.40 -20.34 7.61
CA THR B 60 -11.77 -21.57 7.12
C THR B 60 -11.22 -22.42 8.27
N GLY B 61 -10.78 -21.78 9.35
CA GLY B 61 -10.35 -22.56 10.51
C GLY B 61 -11.46 -23.38 11.13
N MET B 62 -12.66 -22.81 11.23
CA MET B 62 -13.79 -23.60 11.71
C MET B 62 -14.15 -24.69 10.70
N ALA B 63 -13.97 -24.42 9.40
CA ALA B 63 -14.24 -25.43 8.39
C ALA B 63 -13.33 -26.63 8.57
N LEU B 64 -12.06 -26.40 8.85
CA LEU B 64 -11.12 -27.50 9.02
C LEU B 64 -11.34 -28.25 10.32
N LYS B 65 -11.76 -27.54 11.38
CA LYS B 65 -12.15 -28.23 12.60
C LYS B 65 -13.37 -29.11 12.37
N LEU B 66 -14.30 -28.66 11.52
CA LEU B 66 -15.50 -29.46 11.26
C LEU B 66 -15.24 -30.58 10.26
N CYS B 67 -14.27 -30.42 9.37
CA CYS B 67 -14.01 -31.38 8.30
C CYS B 67 -12.51 -31.45 8.04
N PRO B 68 -11.76 -32.11 8.93
CA PRO B 68 -10.29 -32.08 8.82
C PRO B 68 -9.75 -32.63 7.51
N HIS B 69 -10.50 -33.46 6.80
CA HIS B 69 -10.07 -33.93 5.48
C HIS B 69 -10.39 -32.94 4.38
N LEU B 70 -10.92 -31.76 4.71
CA LEU B 70 -11.34 -30.79 3.70
C LEU B 70 -10.18 -30.44 2.79
N THR B 71 -10.43 -30.49 1.49
CA THR B 71 -9.47 -29.98 0.51
C THR B 71 -9.86 -28.57 0.11
N LEU B 72 -8.93 -27.64 0.28
CA LEU B 72 -9.15 -26.22 0.06
C LEU B 72 -8.56 -25.80 -1.28
N LEU B 73 -9.37 -25.09 -2.09
CA LEU B 73 -8.91 -24.61 -3.39
C LEU B 73 -8.97 -23.09 -3.45
N PRO B 74 -8.00 -22.46 -4.15
CA PRO B 74 -7.96 -20.98 -4.18
C PRO B 74 -9.00 -20.35 -5.09
N GLY B 75 -9.69 -21.10 -5.94
CA GLY B 75 -10.65 -20.51 -6.84
C GLY B 75 -10.05 -19.94 -8.11
N ARG B 76 -10.67 -20.21 -9.24
CA ARG B 76 -10.20 -19.75 -10.54
C ARG B 76 -11.30 -18.86 -11.12
N PHE B 77 -11.16 -17.55 -10.92
CA PHE B 77 -12.25 -16.66 -11.26
C PHE B 77 -12.55 -16.68 -12.76
N ASP B 78 -11.53 -16.75 -13.59
CA ASP B 78 -11.81 -16.72 -15.03
C ASP B 78 -12.59 -17.95 -15.46
N ALA B 79 -12.39 -19.08 -14.79
CA ALA B 79 -13.20 -20.25 -15.09
C ALA B 79 -14.65 -20.02 -14.69
N TYR B 80 -14.88 -19.36 -13.56
CA TYR B 80 -16.25 -19.09 -13.13
C TYR B 80 -16.91 -18.05 -14.04
N LYS B 81 -16.16 -17.01 -14.42
CA LYS B 81 -16.72 -15.99 -15.32
C LYS B 81 -17.06 -16.57 -16.68
N GLU B 82 -16.23 -17.49 -17.20
CA GLU B 82 -16.50 -18.09 -18.50
C GLU B 82 -17.82 -18.85 -18.48
N ALA B 83 -18.01 -19.71 -17.48
CA ALA B 83 -19.26 -20.46 -17.36
C ALA B 83 -20.46 -19.52 -17.21
N SER B 84 -20.27 -18.42 -16.46
CA SER B 84 -21.33 -17.45 -16.24
C SER B 84 -21.74 -16.73 -17.53
N ASN B 85 -20.77 -16.35 -18.36
CA ASN B 85 -21.14 -15.77 -19.66
C ASN B 85 -21.91 -16.79 -20.49
N HIS B 86 -21.49 -18.05 -20.45
CA HIS B 86 -22.15 -19.09 -21.23
C HIS B 86 -23.61 -19.27 -20.80
N ILE B 87 -23.87 -19.40 -19.49
CA ILE B 87 -25.25 -19.62 -19.07
C ILE B 87 -26.12 -18.43 -19.45
N ARG B 88 -25.58 -17.21 -19.32
CA ARG B 88 -26.37 -16.03 -19.67
C ARG B 88 -26.67 -15.97 -21.17
N GLU B 89 -25.76 -16.49 -22.02
CA GLU B 89 -26.09 -16.56 -23.43
C GLU B 89 -27.15 -17.62 -23.71
N ILE B 90 -27.10 -18.73 -22.97
CA ILE B 90 -28.17 -19.72 -23.06
C ILE B 90 -29.51 -19.09 -22.72
N PHE B 91 -29.54 -18.26 -21.65
CA PHE B 91 -30.76 -17.56 -21.28
C PHE B 91 -31.26 -16.70 -22.42
N SER B 92 -30.34 -16.09 -23.18
CA SER B 92 -30.72 -15.18 -24.24
C SER B 92 -31.35 -15.90 -25.43
N ARG B 93 -31.12 -17.20 -25.59
CA ARG B 93 -31.82 -17.94 -26.62
C ARG B 93 -33.32 -17.98 -26.35
N TYR B 94 -33.75 -17.81 -25.10
CA TYR B 94 -35.14 -17.96 -24.71
C TYR B 94 -35.88 -16.65 -24.49
N THR B 95 -35.20 -15.60 -24.05
CA THR B 95 -35.82 -14.29 -23.86
C THR B 95 -34.73 -13.26 -23.66
N SER B 96 -35.05 -12.01 -24.02
CA SER B 96 -34.16 -10.89 -23.71
C SER B 96 -34.40 -10.34 -22.31
N ARG B 97 -35.49 -10.74 -21.66
CA ARG B 97 -35.82 -10.29 -20.30
C ARG B 97 -35.01 -11.09 -19.29
N ILE B 98 -33.76 -10.66 -19.11
CA ILE B 98 -32.80 -11.36 -18.26
C ILE B 98 -32.26 -10.37 -17.23
N GLU B 99 -32.45 -10.68 -15.96
CA GLU B 99 -31.89 -9.87 -14.87
C GLU B 99 -30.92 -10.73 -14.07
N PRO B 100 -29.63 -10.74 -14.42
CA PRO B 100 -28.64 -11.47 -13.60
C PRO B 100 -28.49 -10.82 -12.24
N LEU B 101 -28.39 -11.64 -11.20
CA LEU B 101 -28.18 -11.14 -9.84
C LEU B 101 -26.78 -11.43 -9.29
N SER B 102 -26.06 -12.35 -9.90
CA SER B 102 -24.71 -12.73 -9.53
C SER B 102 -24.17 -13.50 -10.73
N LEU B 103 -22.94 -13.99 -10.62
CA LEU B 103 -22.41 -14.77 -11.74
C LEU B 103 -23.31 -15.96 -12.08
N ASP B 104 -23.90 -16.60 -11.07
CA ASP B 104 -24.48 -17.93 -11.25
C ASP B 104 -26.01 -17.95 -11.24
N GLU B 105 -26.69 -16.79 -11.23
CA GLU B 105 -28.15 -16.80 -11.18
C GLU B 105 -28.73 -15.59 -11.90
N ALA B 106 -29.98 -15.77 -12.36
CA ALA B 106 -30.72 -14.74 -13.06
C ALA B 106 -32.21 -15.00 -12.90
N TYR B 107 -33.00 -13.91 -12.86
CA TYR B 107 -34.44 -14.01 -13.14
C TYR B 107 -34.68 -13.92 -14.64
N LEU B 108 -35.66 -14.68 -15.11
CA LEU B 108 -36.17 -14.57 -16.47
C LEU B 108 -37.66 -14.24 -16.41
N ASP B 109 -38.11 -13.33 -17.27
CA ASP B 109 -39.53 -13.12 -17.45
C ASP B 109 -39.92 -13.79 -18.77
N VAL B 110 -40.69 -14.87 -18.69
CA VAL B 110 -41.10 -15.57 -19.90
C VAL B 110 -42.61 -15.51 -20.02
N THR B 111 -43.20 -14.37 -19.62
CA THR B 111 -44.65 -14.22 -19.70
C THR B 111 -45.15 -14.36 -21.13
N ASP B 112 -44.44 -13.76 -22.09
CA ASP B 112 -44.90 -13.73 -23.49
C ASP B 112 -44.02 -14.57 -24.41
N SER B 113 -43.30 -15.54 -23.88
CA SER B 113 -42.44 -16.37 -24.70
C SER B 113 -43.27 -17.34 -25.54
N VAL B 114 -42.87 -17.50 -26.81
CA VAL B 114 -43.46 -18.50 -27.70
C VAL B 114 -42.55 -19.71 -27.80
N HIS B 115 -41.86 -20.04 -26.72
CA HIS B 115 -41.09 -21.26 -26.62
C HIS B 115 -41.86 -22.28 -25.80
N CYS B 116 -41.72 -23.56 -26.18
CA CYS B 116 -42.37 -24.67 -25.45
C CYS B 116 -43.85 -24.39 -25.21
N HIS B 117 -44.51 -23.74 -26.17
CA HIS B 117 -45.92 -23.38 -26.07
C HIS B 117 -46.20 -22.48 -24.87
N GLY B 118 -45.25 -21.61 -24.52
CA GLY B 118 -45.48 -20.73 -23.40
C GLY B 118 -45.44 -21.42 -22.07
N SER B 119 -44.88 -22.63 -22.03
CA SER B 119 -44.69 -23.40 -20.80
C SER B 119 -43.49 -22.89 -20.01
N ALA B 120 -43.73 -22.28 -18.84
CA ALA B 120 -42.58 -21.88 -18.03
C ALA B 120 -41.89 -23.10 -17.41
N THR B 121 -42.66 -24.16 -17.11
CA THR B 121 -42.07 -25.40 -16.62
C THR B 121 -41.15 -26.02 -17.66
N LEU B 122 -41.62 -26.12 -18.91
CA LEU B 122 -40.81 -26.77 -19.94
C LEU B 122 -39.62 -25.91 -20.32
N ILE B 123 -39.79 -24.58 -20.36
CA ILE B 123 -38.68 -23.67 -20.62
C ILE B 123 -37.59 -23.82 -19.56
N ALA B 124 -37.98 -23.87 -18.28
CA ALA B 124 -37.00 -24.05 -17.22
C ALA B 124 -36.31 -25.40 -17.35
N GLN B 125 -37.07 -26.47 -17.65
CA GLN B 125 -36.47 -27.78 -17.84
C GLN B 125 -35.48 -27.76 -19.00
N GLU B 126 -35.83 -27.07 -20.08
CA GLU B 126 -34.95 -27.05 -21.24
C GLU B 126 -33.71 -26.21 -20.96
N ILE B 127 -33.86 -25.10 -20.25
CA ILE B 127 -32.68 -24.31 -19.88
C ILE B 127 -31.75 -25.14 -19.02
N ARG B 128 -32.30 -25.85 -18.02
CA ARG B 128 -31.43 -26.69 -17.17
C ARG B 128 -30.71 -27.76 -17.98
N GLN B 129 -31.42 -28.42 -18.90
CA GLN B 129 -30.82 -29.48 -19.70
C GLN B 129 -29.77 -28.95 -20.67
N THR B 130 -30.04 -27.79 -21.27
CA THR B 130 -29.05 -27.18 -22.15
C THR B 130 -27.80 -26.81 -21.38
N ILE B 131 -27.93 -26.43 -20.11
CA ILE B 131 -26.75 -26.10 -19.30
C ILE B 131 -25.96 -27.36 -18.94
N PHE B 132 -26.65 -28.45 -18.56
CA PHE B 132 -25.96 -29.72 -18.30
C PHE B 132 -25.17 -30.15 -19.53
N ASN B 133 -25.81 -30.16 -20.70
CA ASN B 133 -25.06 -30.24 -21.94
C ASN B 133 -24.26 -28.95 -22.12
N GLU B 134 -23.30 -28.95 -23.02
CA GLU B 134 -22.47 -27.75 -23.25
C GLU B 134 -21.56 -27.40 -22.07
N LEU B 135 -22.09 -27.33 -20.85
CA LEU B 135 -21.27 -26.92 -19.71
C LEU B 135 -20.91 -28.03 -18.75
N GLN B 136 -21.61 -29.17 -18.78
CA GLN B 136 -21.40 -30.27 -17.84
C GLN B 136 -21.54 -29.81 -16.39
N LEU B 137 -22.53 -28.94 -16.15
CA LEU B 137 -22.86 -28.45 -14.82
C LEU B 137 -24.36 -28.50 -14.63
N THR B 138 -24.80 -28.66 -13.39
CA THR B 138 -26.23 -28.75 -13.12
C THR B 138 -26.75 -27.43 -12.55
N ALA B 139 -28.00 -27.12 -12.90
CA ALA B 139 -28.69 -25.97 -12.36
C ALA B 139 -30.02 -26.41 -11.78
N SER B 140 -30.54 -25.58 -10.88
CA SER B 140 -31.88 -25.71 -10.34
C SER B 140 -32.68 -24.47 -10.73
N ALA B 141 -34.00 -24.60 -10.76
CA ALA B 141 -34.81 -23.46 -11.17
C ALA B 141 -36.10 -23.40 -10.39
N GLY B 142 -36.64 -22.20 -10.28
CA GLY B 142 -37.94 -21.99 -9.64
C GLY B 142 -38.82 -21.21 -10.57
N VAL B 143 -40.11 -21.55 -10.58
CA VAL B 143 -41.09 -20.93 -11.45
C VAL B 143 -42.23 -20.42 -10.58
N ALA B 144 -42.66 -19.18 -10.80
CA ALA B 144 -43.65 -18.57 -9.92
C ALA B 144 -44.22 -17.31 -10.57
N PRO B 145 -45.32 -16.77 -10.04
CA PRO B 145 -45.89 -15.54 -10.61
C PRO B 145 -45.15 -14.27 -10.27
N VAL B 146 -44.20 -14.29 -9.31
CA VAL B 146 -43.46 -13.10 -8.91
C VAL B 146 -42.03 -13.51 -8.57
N LYS B 147 -41.16 -12.49 -8.51
CA LYS B 147 -39.74 -12.70 -8.23
C LYS B 147 -39.48 -13.53 -6.98
N PHE B 148 -39.90 -13.03 -5.80
CA PHE B 148 -39.38 -13.63 -4.58
C PHE B 148 -39.81 -15.09 -4.43
N LEU B 149 -40.97 -15.46 -4.98
CA LEU B 149 -41.38 -16.87 -4.91
C LEU B 149 -40.58 -17.73 -5.89
N ALA B 150 -40.27 -17.21 -7.08
CA ALA B 150 -39.46 -17.99 -7.99
C ALA B 150 -38.09 -18.26 -7.40
N LYS B 151 -37.52 -17.26 -6.70
CA LYS B 151 -36.22 -17.49 -6.07
C LYS B 151 -36.31 -18.52 -4.95
N ILE B 152 -37.34 -18.43 -4.11
CA ILE B 152 -37.54 -19.45 -3.08
C ILE B 152 -37.72 -20.83 -3.72
N ALA B 153 -38.50 -20.89 -4.81
CA ALA B 153 -38.79 -22.18 -5.43
C ALA B 153 -37.53 -22.84 -5.99
N SER B 154 -36.55 -22.04 -6.43
CA SER B 154 -35.36 -22.63 -7.02
C SER B 154 -34.50 -23.36 -5.99
N ASP B 155 -34.71 -23.10 -4.71
CA ASP B 155 -33.98 -23.76 -3.65
C ASP B 155 -34.62 -25.08 -3.22
N MET B 156 -35.86 -25.36 -3.63
CA MET B 156 -36.65 -26.39 -2.98
C MET B 156 -36.36 -27.79 -3.50
N ASN B 157 -36.04 -27.94 -4.78
CA ASN B 157 -35.60 -29.21 -5.34
C ASN B 157 -34.15 -29.12 -5.80
N LYS B 158 -33.37 -28.37 -5.05
CA LYS B 158 -31.96 -28.30 -5.26
C LYS B 158 -31.26 -29.53 -4.71
N PRO B 159 -30.23 -30.04 -5.41
CA PRO B 159 -29.63 -29.69 -6.70
C PRO B 159 -30.30 -30.41 -7.88
N ASN B 160 -30.09 -29.88 -9.08
CA ASN B 160 -30.52 -30.50 -10.33
C ASN B 160 -32.01 -30.85 -10.33
N GLY B 161 -32.83 -29.86 -10.01
CA GLY B 161 -34.27 -30.01 -10.00
C GLY B 161 -34.94 -28.66 -10.12
N GLN B 162 -36.27 -28.66 -10.20
CA GLN B 162 -37.01 -27.41 -10.25
C GLN B 162 -38.31 -27.58 -9.48
N PHE B 163 -38.97 -26.44 -9.24
CA PHE B 163 -40.23 -26.43 -8.50
C PHE B 163 -41.07 -25.27 -9.01
N VAL B 164 -42.35 -25.54 -9.26
CA VAL B 164 -43.27 -24.57 -9.85
C VAL B 164 -44.33 -24.22 -8.81
N ILE B 165 -44.65 -22.94 -8.70
CA ILE B 165 -45.73 -22.45 -7.84
C ILE B 165 -46.73 -21.71 -8.73
N THR B 166 -47.89 -22.32 -8.95
CA THR B 166 -48.92 -21.68 -9.75
C THR B 166 -49.60 -20.57 -8.95
N PRO B 167 -50.22 -19.61 -9.63
CA PRO B 167 -51.03 -18.62 -8.90
C PRO B 167 -52.02 -19.24 -7.92
N ALA B 168 -52.62 -20.37 -8.29
CA ALA B 168 -53.58 -21.03 -7.39
C ALA B 168 -52.93 -21.53 -6.10
N GLU B 169 -51.65 -21.87 -6.14
CA GLU B 169 -50.99 -22.49 -5.01
C GLU B 169 -50.39 -21.47 -4.03
N VAL B 170 -50.25 -20.21 -4.43
CA VAL B 170 -49.57 -19.24 -3.55
C VAL B 170 -50.21 -19.13 -2.19
N PRO B 171 -51.53 -19.01 -2.04
CA PRO B 171 -52.09 -18.88 -0.69
C PRO B 171 -51.67 -20.00 0.26
N ALA B 172 -51.75 -21.27 -0.17
CA ALA B 172 -51.32 -22.35 0.71
C ALA B 172 -49.81 -22.31 0.92
N PHE B 173 -49.04 -22.03 -0.13
CA PHE B 173 -47.59 -22.00 0.00
C PHE B 173 -47.15 -20.93 1.00
N LEU B 174 -47.89 -19.83 1.06
CA LEU B 174 -47.53 -18.68 1.89
C LEU B 174 -47.82 -18.94 3.37
N GLN B 175 -48.97 -19.56 3.67
CA GLN B 175 -49.50 -19.58 5.02
C GLN B 175 -48.46 -20.02 6.04
N THR B 176 -47.59 -20.95 5.64
CA THR B 176 -46.62 -21.54 6.55
C THR B 176 -45.18 -21.21 6.18
N LEU B 177 -44.99 -20.32 5.21
CA LEU B 177 -43.65 -19.92 4.76
C LEU B 177 -42.88 -19.21 5.87
N PRO B 178 -41.71 -19.72 6.29
CA PRO B 178 -40.92 -18.98 7.29
C PRO B 178 -40.41 -17.66 6.71
N LEU B 179 -40.61 -16.58 7.48
CA LEU B 179 -40.22 -15.27 7.00
C LEU B 179 -38.74 -15.22 6.64
N ALA B 180 -37.91 -15.97 7.34
CA ALA B 180 -36.48 -16.00 7.05
C ALA B 180 -36.20 -16.42 5.62
N LYS B 181 -37.13 -17.13 4.99
CA LYS B 181 -36.95 -17.59 3.62
C LYS B 181 -37.10 -16.47 2.61
N ILE B 182 -37.71 -15.35 2.99
CA ILE B 182 -37.91 -14.22 2.08
C ILE B 182 -36.57 -13.56 1.83
N PRO B 183 -36.13 -13.48 0.57
CA PRO B 183 -34.89 -12.77 0.27
C PRO B 183 -34.95 -11.35 0.82
N GLY B 184 -33.88 -10.95 1.50
CA GLY B 184 -33.81 -9.68 2.18
C GLY B 184 -34.10 -9.76 3.67
N VAL B 185 -34.69 -10.86 4.14
CA VAL B 185 -34.96 -11.06 5.56
C VAL B 185 -33.84 -11.95 6.10
N GLY B 186 -32.83 -11.32 6.68
CA GLY B 186 -31.66 -12.02 7.18
C GLY B 186 -31.73 -12.28 8.68
N LYS B 187 -30.56 -12.56 9.27
CA LYS B 187 -30.48 -12.97 10.68
C LYS B 187 -31.13 -11.96 11.61
N VAL B 188 -30.78 -10.68 11.46
CA VAL B 188 -31.24 -9.66 12.40
C VAL B 188 -32.74 -9.48 12.29
N SER B 189 -33.24 -9.33 11.05
CA SER B 189 -34.67 -9.13 10.86
C SER B 189 -35.48 -10.30 11.37
N ALA B 190 -35.09 -11.53 10.97
CA ALA B 190 -35.80 -12.72 11.41
C ALA B 190 -35.88 -12.79 12.93
N ALA B 191 -34.78 -12.46 13.62
CA ALA B 191 -34.78 -12.50 15.07
C ALA B 191 -35.69 -11.42 15.67
N LYS B 192 -35.69 -10.21 15.09
CA LYS B 192 -36.59 -9.18 15.63
C LYS B 192 -38.05 -9.55 15.42
N LEU B 193 -38.36 -10.16 14.27
CA LEU B 193 -39.70 -10.67 14.03
C LEU B 193 -40.06 -11.76 15.04
N GLU B 194 -39.19 -12.76 15.19
CA GLU B 194 -39.45 -13.86 16.12
C GLU B 194 -39.73 -13.33 17.54
N ALA B 195 -38.88 -12.42 18.02
CA ALA B 195 -39.12 -11.74 19.30
C ALA B 195 -40.48 -11.08 19.37
N MET B 196 -41.16 -10.93 18.24
CA MET B 196 -42.48 -10.35 18.16
C MET B 196 -43.56 -11.40 17.93
N GLY B 197 -43.20 -12.69 18.05
CA GLY B 197 -44.10 -13.77 17.69
C GLY B 197 -44.41 -13.90 16.22
N LEU B 198 -43.65 -13.25 15.35
CA LEU B 198 -43.85 -13.35 13.91
C LEU B 198 -42.80 -14.29 13.33
N ARG B 199 -43.24 -15.48 12.90
CA ARG B 199 -42.34 -16.45 12.30
C ARG B 199 -42.63 -16.72 10.84
N THR B 200 -43.90 -16.80 10.46
CA THR B 200 -44.31 -17.19 9.11
C THR B 200 -45.05 -16.04 8.43
N CYS B 201 -45.21 -16.17 7.10
CA CYS B 201 -46.02 -15.21 6.37
C CYS B 201 -47.46 -15.21 6.88
N GLY B 202 -47.96 -16.37 7.34
CA GLY B 202 -49.28 -16.41 7.91
C GLY B 202 -49.44 -15.52 9.13
N ASP B 203 -48.40 -15.48 9.97
CA ASP B 203 -48.42 -14.57 11.12
C ASP B 203 -48.50 -13.10 10.68
N VAL B 204 -47.76 -12.73 9.63
CA VAL B 204 -47.74 -11.33 9.21
C VAL B 204 -49.04 -10.93 8.54
N GLN B 205 -49.72 -11.87 7.88
CA GLN B 205 -51.03 -11.55 7.28
C GLN B 205 -52.03 -11.11 8.34
N LYS B 206 -51.87 -11.57 9.58
CA LYS B 206 -52.74 -11.13 10.66
C LYS B 206 -52.30 -9.80 11.27
N CYS B 207 -51.25 -9.20 10.74
CA CYS B 207 -50.67 -7.99 11.32
C CYS B 207 -51.24 -6.71 10.70
N ASP B 208 -51.43 -5.72 11.56
CA ASP B 208 -51.70 -4.34 11.18
C ASP B 208 -50.55 -3.77 10.34
N LEU B 209 -50.87 -3.25 9.15
CA LEU B 209 -49.83 -2.67 8.29
C LEU B 209 -49.17 -1.44 8.94
N VAL B 210 -49.95 -0.56 9.57
CA VAL B 210 -49.36 0.62 10.21
C VAL B 210 -48.39 0.20 11.29
N MET B 211 -48.77 -0.81 12.08
CA MET B 211 -47.89 -1.43 13.07
C MET B 211 -46.53 -1.75 12.45
N LEU B 212 -46.55 -2.48 11.33
CA LEU B 212 -45.31 -2.87 10.65
C LEU B 212 -44.53 -1.65 10.14
N LEU B 213 -45.22 -0.61 9.67
CA LEU B 213 -44.54 0.62 9.27
C LEU B 213 -43.84 1.29 10.45
N LYS B 214 -44.47 1.31 11.62
CA LYS B 214 -43.83 1.91 12.81
C LYS B 214 -42.51 1.23 13.12
N ARG B 215 -42.52 -0.12 13.16
CA ARG B 215 -41.37 -0.86 13.65
C ARG B 215 -40.28 -1.03 12.61
N PHE B 216 -40.65 -1.14 11.33
CA PHE B 216 -39.69 -1.51 10.31
C PHE B 216 -39.54 -0.49 9.19
N GLY B 217 -40.39 0.53 9.14
CA GLY B 217 -40.31 1.48 8.03
C GLY B 217 -40.65 0.80 6.72
N LYS B 218 -39.91 1.16 5.67
CA LYS B 218 -40.16 0.60 4.34
C LYS B 218 -40.14 -0.92 4.35
N PHE B 219 -39.14 -1.51 5.02
CA PHE B 219 -39.09 -2.96 5.19
C PHE B 219 -40.40 -3.51 5.76
N GLY B 220 -41.09 -2.73 6.60
CA GLY B 220 -42.39 -3.15 7.09
C GLY B 220 -43.43 -3.29 6.01
N ARG B 221 -43.42 -2.40 5.01
CA ARG B 221 -44.34 -2.52 3.89
C ARG B 221 -43.98 -3.72 3.03
N ILE B 222 -42.69 -3.90 2.72
CA ILE B 222 -42.26 -5.03 1.91
C ILE B 222 -42.65 -6.33 2.58
N LEU B 223 -42.36 -6.45 3.87
CA LEU B 223 -42.77 -7.64 4.61
C LEU B 223 -44.28 -7.82 4.54
N TRP B 224 -45.05 -6.74 4.65
CA TRP B 224 -46.50 -6.85 4.54
C TRP B 224 -46.91 -7.38 3.19
N GLU B 225 -46.30 -6.85 2.11
CA GLU B 225 -46.64 -7.26 0.75
C GLU B 225 -46.26 -8.71 0.50
N ARG B 226 -44.98 -9.05 0.68
CA ARG B 226 -44.53 -10.40 0.34
C ARG B 226 -45.30 -11.47 1.10
N SER B 227 -45.75 -11.17 2.32
CA SER B 227 -46.49 -12.16 3.10
C SER B 227 -47.85 -12.49 2.51
N GLN B 228 -48.32 -11.74 1.51
CA GLN B 228 -49.50 -12.16 0.77
C GLN B 228 -49.21 -12.25 -0.72
N GLY B 229 -47.97 -12.59 -1.07
CA GLY B 229 -47.66 -12.92 -2.44
C GLY B 229 -47.60 -11.75 -3.38
N ILE B 230 -47.58 -10.53 -2.85
CA ILE B 230 -47.45 -9.31 -3.66
C ILE B 230 -45.98 -9.00 -3.80
N ASP B 231 -45.55 -8.80 -5.07
CA ASP B 231 -44.17 -8.45 -5.39
C ASP B 231 -44.19 -7.98 -6.84
N GLU B 232 -44.40 -6.67 -7.03
CA GLU B 232 -44.54 -6.06 -8.34
C GLU B 232 -43.21 -5.73 -8.99
N ARG B 233 -42.09 -6.15 -8.42
CA ARG B 233 -40.80 -5.83 -9.03
C ARG B 233 -40.70 -6.47 -10.41
N ASP B 234 -40.55 -5.64 -11.43
CA ASP B 234 -40.37 -6.14 -12.79
C ASP B 234 -38.94 -6.60 -13.02
N VAL B 235 -38.80 -7.65 -13.83
CA VAL B 235 -37.48 -8.10 -14.26
C VAL B 235 -36.83 -7.01 -15.10
N ASN B 236 -35.64 -6.59 -14.69
CA ASN B 236 -34.95 -5.45 -15.30
C ASN B 236 -33.66 -5.94 -15.95
N SER B 237 -33.61 -5.88 -17.29
CA SER B 237 -32.43 -6.30 -18.02
C SER B 237 -31.45 -5.15 -18.27
N GLU B 238 -31.67 -3.98 -17.66
CA GLU B 238 -30.86 -2.79 -17.93
C GLU B 238 -30.10 -2.28 -16.72
N ARG B 239 -29.79 -3.15 -15.75
CA ARG B 239 -29.06 -2.72 -14.56
C ARG B 239 -27.56 -2.63 -14.86
N LEU B 240 -26.92 -1.59 -14.32
CA LEU B 240 -25.49 -1.39 -14.43
C LEU B 240 -24.88 -1.28 -13.03
N ARG B 241 -23.64 -1.74 -12.89
CA ARG B 241 -22.91 -1.56 -11.65
C ARG B 241 -22.82 -0.08 -11.28
N LYS B 242 -22.93 0.21 -9.98
CA LYS B 242 -22.86 1.59 -9.49
C LYS B 242 -21.58 1.89 -8.73
N SER B 243 -20.75 0.90 -8.44
CA SER B 243 -19.53 1.10 -7.67
C SER B 243 -18.50 0.06 -8.07
N VAL B 244 -17.23 0.36 -7.78
CA VAL B 244 -16.12 -0.56 -8.00
C VAL B 244 -15.17 -0.40 -6.83
N GLY B 245 -14.74 -1.52 -6.25
CA GLY B 245 -13.87 -1.48 -5.10
C GLY B 245 -12.82 -2.57 -5.14
N VAL B 246 -11.69 -2.29 -4.49
CA VAL B 246 -10.65 -3.28 -4.25
C VAL B 246 -10.27 -3.21 -2.77
N GLU B 247 -10.17 -4.38 -2.12
CA GLU B 247 -9.79 -4.40 -0.71
C GLU B 247 -9.11 -5.72 -0.37
N ARG B 248 -8.21 -5.67 0.62
CA ARG B 248 -7.47 -6.84 1.07
C ARG B 248 -7.43 -6.92 2.59
N THR B 249 -7.65 -8.13 3.12
CA THR B 249 -7.34 -8.44 4.50
C THR B 249 -5.93 -9.01 4.56
N MET B 250 -5.09 -8.44 5.44
CA MET B 250 -3.71 -8.88 5.59
C MET B 250 -3.61 -10.07 6.55
N ALA B 251 -2.56 -10.88 6.37
CA ALA B 251 -2.36 -12.04 7.24
C ALA B 251 -2.12 -11.61 8.69
N GLU B 252 -1.60 -10.40 8.91
CA GLU B 252 -1.36 -9.87 10.26
C GLU B 252 -1.81 -8.42 10.29
N ASP B 253 -2.36 -7.98 11.42
CA ASP B 253 -2.76 -6.57 11.55
C ASP B 253 -1.57 -5.66 11.32
N ILE B 254 -1.81 -4.50 10.71
CA ILE B 254 -0.78 -3.48 10.56
C ILE B 254 -0.95 -2.45 11.66
N HIS B 255 0.16 -1.80 12.03
CA HIS B 255 0.18 -0.81 13.09
C HIS B 255 0.92 0.46 12.74
N HIS B 256 1.52 0.55 11.55
CA HIS B 256 2.27 1.72 11.10
C HIS B 256 1.63 2.30 9.86
N TRP B 257 1.51 3.63 9.82
CA TRP B 257 0.92 4.28 8.66
C TRP B 257 1.65 3.91 7.35
N SER B 258 2.98 3.86 7.39
CA SER B 258 3.74 3.52 6.17
C SER B 258 3.35 2.16 5.61
N GLU B 259 2.88 1.23 6.45
CA GLU B 259 2.34 -0.01 5.94
C GLU B 259 1.00 0.21 5.26
N CYS B 260 0.20 1.13 5.78
CA CYS B 260 -1.11 1.40 5.18
C CYS B 260 -0.94 1.99 3.78
N GLU B 261 -0.06 2.99 3.65
CA GLU B 261 0.23 3.57 2.35
C GLU B 261 0.83 2.52 1.41
N ALA B 262 1.68 1.65 1.93
CA ALA B 262 2.29 0.66 1.05
C ALA B 262 1.24 -0.29 0.49
N ILE B 263 0.20 -0.60 1.28
CA ILE B 263 -0.88 -1.43 0.75
C ILE B 263 -1.69 -0.66 -0.27
N ILE B 264 -1.97 0.62 -0.01
CA ILE B 264 -2.71 1.43 -0.98
C ILE B 264 -1.97 1.48 -2.32
N GLU B 265 -0.63 1.57 -2.27
CA GLU B 265 0.13 1.58 -3.52
C GLU B 265 -0.10 0.30 -4.30
N ARG B 266 -0.25 -0.84 -3.60
CA ARG B 266 -0.50 -2.11 -4.27
C ARG B 266 -1.95 -2.25 -4.72
N LEU B 267 -2.90 -1.69 -3.97
CA LEU B 267 -4.29 -1.78 -4.38
C LEU B 267 -4.60 -0.88 -5.58
N TYR B 268 -3.96 0.30 -5.66
CA TYR B 268 -4.43 1.29 -6.62
C TYR B 268 -4.37 0.84 -8.07
N PRO B 269 -3.33 0.16 -8.57
CA PRO B 269 -3.34 -0.19 -10.00
C PRO B 269 -4.46 -1.15 -10.35
N GLU B 270 -4.81 -2.06 -9.44
CA GLU B 270 -5.93 -2.96 -9.69
C GLU B 270 -7.26 -2.20 -9.78
N LEU B 271 -7.49 -1.25 -8.85
CA LEU B 271 -8.69 -0.43 -8.97
C LEU B 271 -8.74 0.25 -10.34
N GLU B 272 -7.59 0.72 -10.82
CA GLU B 272 -7.54 1.47 -12.09
C GLU B 272 -7.90 0.57 -13.27
N ARG B 273 -7.31 -0.63 -13.34
CA ARG B 273 -7.69 -1.61 -14.37
C ARG B 273 -9.20 -1.85 -14.39
N ARG B 274 -9.78 -2.11 -13.22
CA ARG B 274 -11.20 -2.50 -13.20
C ARG B 274 -12.08 -1.34 -13.60
N LEU B 275 -11.77 -0.13 -13.10
CA LEU B 275 -12.54 1.03 -13.50
C LEU B 275 -12.37 1.32 -14.99
N ALA B 276 -11.20 0.97 -15.54
CA ALA B 276 -10.94 1.24 -16.95
C ALA B 276 -11.86 0.41 -17.84
N LYS B 277 -12.11 -0.84 -17.47
CA LYS B 277 -13.01 -1.70 -18.22
C LYS B 277 -14.37 -1.04 -18.44
N VAL B 278 -14.97 -0.51 -17.37
CA VAL B 278 -16.34 0.00 -17.42
C VAL B 278 -16.41 1.51 -17.67
N LYS B 279 -15.29 2.22 -17.53
CA LYS B 279 -15.26 3.66 -17.77
C LYS B 279 -13.84 4.04 -18.18
N PRO B 280 -13.54 4.02 -19.48
CA PRO B 280 -12.15 4.22 -19.93
C PRO B 280 -11.52 5.54 -19.49
N ASP B 281 -12.29 6.60 -19.26
CA ASP B 281 -11.75 7.90 -18.93
C ASP B 281 -11.64 8.15 -17.41
N LEU B 282 -11.97 7.17 -16.58
CA LEU B 282 -11.80 7.21 -15.12
C LEU B 282 -12.63 8.30 -14.44
N LEU B 283 -13.65 8.84 -15.10
CA LEU B 283 -14.46 9.89 -14.50
C LEU B 283 -15.53 9.27 -13.61
N ILE B 284 -15.67 9.80 -12.38
CA ILE B 284 -16.47 9.20 -11.31
C ILE B 284 -17.21 10.29 -10.55
N ALA B 285 -18.14 9.86 -9.69
CA ALA B 285 -18.86 10.74 -8.77
C ALA B 285 -18.15 10.89 -7.42
N ARG B 286 -17.68 9.78 -6.85
CA ARG B 286 -17.07 9.79 -5.52
C ARG B 286 -15.92 8.80 -5.50
N GLN B 287 -15.01 8.99 -4.54
CA GLN B 287 -14.00 7.98 -4.25
C GLN B 287 -13.62 8.08 -2.79
N GLY B 288 -13.06 7.00 -2.28
CA GLY B 288 -12.70 6.98 -0.87
C GLY B 288 -12.03 5.68 -0.50
N VAL B 289 -11.90 5.50 0.82
CA VAL B 289 -11.15 4.39 1.40
C VAL B 289 -12.00 3.71 2.46
N LYS B 290 -11.53 2.51 2.84
CA LYS B 290 -12.12 1.70 3.90
C LYS B 290 -10.99 1.19 4.77
N LEU B 291 -11.18 1.25 6.09
CA LEU B 291 -10.31 0.57 7.04
C LEU B 291 -11.17 -0.32 7.92
N LYS B 292 -10.66 -1.51 8.24
CA LYS B 292 -11.30 -2.40 9.20
C LYS B 292 -10.29 -2.73 10.28
N PHE B 293 -10.70 -2.61 11.55
CA PHE B 293 -9.79 -2.72 12.66
C PHE B 293 -9.80 -4.14 13.25
N ASP B 294 -8.93 -4.31 14.25
CA ASP B 294 -8.74 -5.63 14.87
C ASP B 294 -9.95 -6.09 15.66
N ASP B 295 -10.82 -5.17 16.09
CA ASP B 295 -12.08 -5.53 16.73
C ASP B 295 -13.20 -5.75 15.73
N PHE B 296 -12.88 -5.83 14.44
CA PHE B 296 -13.81 -6.03 13.34
C PHE B 296 -14.74 -4.84 13.14
N GLN B 297 -14.55 -3.74 13.87
CA GLN B 297 -15.19 -2.50 13.47
C GLN B 297 -14.57 -2.01 12.16
N GLN B 298 -15.38 -1.35 11.35
CA GLN B 298 -14.85 -0.79 10.12
C GLN B 298 -15.42 0.59 9.86
N THR B 299 -14.67 1.38 9.11
CA THR B 299 -15.07 2.73 8.78
C THR B 299 -14.74 3.00 7.32
N THR B 300 -15.57 3.83 6.68
CA THR B 300 -15.38 4.28 5.31
C THR B 300 -15.37 5.81 5.30
N GLN B 301 -14.47 6.38 4.51
CA GLN B 301 -14.38 7.83 4.31
C GLN B 301 -14.34 8.08 2.81
N GLU B 302 -15.40 8.67 2.26
CA GLU B 302 -15.50 8.97 0.85
C GLU B 302 -15.97 10.40 0.66
N HIS B 303 -15.71 10.93 -0.54
CA HIS B 303 -16.07 12.31 -0.85
C HIS B 303 -16.26 12.47 -2.35
N VAL B 304 -17.11 13.44 -2.72
CA VAL B 304 -17.30 13.92 -4.08
C VAL B 304 -15.93 14.08 -4.74
N TRP B 305 -15.74 13.46 -5.90
CA TRP B 305 -14.48 13.58 -6.60
C TRP B 305 -14.66 13.24 -8.09
N PRO B 306 -14.10 14.06 -8.99
CA PRO B 306 -14.47 13.96 -10.41
C PRO B 306 -13.75 12.85 -11.18
N ARG B 307 -12.62 12.35 -10.69
CA ARG B 307 -11.82 11.41 -11.45
C ARG B 307 -10.92 10.64 -10.51
N LEU B 308 -10.83 9.32 -10.71
CA LEU B 308 -9.98 8.44 -9.91
C LEU B 308 -8.60 9.07 -9.73
N ASN B 309 -8.12 9.11 -8.48
CA ASN B 309 -6.90 9.84 -8.19
C ASN B 309 -6.18 9.25 -6.98
N LYS B 310 -4.99 8.70 -7.23
CA LYS B 310 -4.28 7.98 -6.17
C LYS B 310 -3.82 8.91 -5.05
N ALA B 311 -3.31 10.10 -5.39
CA ALA B 311 -2.82 11.02 -4.38
C ALA B 311 -3.94 11.41 -3.42
N ASP B 312 -5.17 11.58 -3.95
CA ASP B 312 -6.30 11.93 -3.09
C ASP B 312 -6.72 10.75 -2.22
N LEU B 313 -6.57 9.52 -2.71
CA LEU B 313 -6.88 8.36 -1.89
C LEU B 313 -5.94 8.27 -0.69
N ILE B 314 -4.64 8.47 -0.92
CA ILE B 314 -3.65 8.37 0.15
C ILE B 314 -3.89 9.47 1.18
N ALA B 315 -4.14 10.70 0.72
CA ALA B 315 -4.46 11.79 1.65
C ALA B 315 -5.71 11.48 2.45
N THR B 316 -6.71 10.87 1.81
CA THR B 316 -7.94 10.47 2.52
C THR B 316 -7.64 9.39 3.55
N ALA B 317 -6.91 8.35 3.16
CA ALA B 317 -6.58 7.31 4.13
C ALA B 317 -5.74 7.83 5.28
N ARG B 318 -4.90 8.85 5.03
CA ARG B 318 -4.14 9.43 6.13
C ARG B 318 -5.09 10.05 7.16
N LYS B 319 -6.13 10.73 6.69
CA LYS B 319 -7.12 11.29 7.61
C LYS B 319 -7.87 10.20 8.36
N THR B 320 -8.29 9.14 7.65
CA THR B 320 -8.99 8.04 8.31
C THR B 320 -8.10 7.39 9.37
N TRP B 321 -6.86 7.08 8.99
CA TRP B 321 -5.89 6.47 9.91
C TRP B 321 -5.64 7.35 11.13
N ASP B 322 -5.49 8.66 10.90
CA ASP B 322 -5.16 9.56 11.99
C ASP B 322 -6.35 9.78 12.91
N GLU B 323 -7.55 9.91 12.35
CA GLU B 323 -8.70 10.36 13.14
C GLU B 323 -9.56 9.23 13.68
N ARG B 324 -9.61 8.08 13.01
CA ARG B 324 -10.58 7.03 13.36
C ARG B 324 -9.95 5.74 13.84
N ARG B 325 -8.64 5.54 13.63
CA ARG B 325 -8.03 4.28 14.06
C ARG B 325 -8.10 4.12 15.57
N GLY B 326 -7.94 5.22 16.32
CA GLY B 326 -8.00 5.13 17.78
C GLY B 326 -6.95 4.22 18.39
N GLY B 327 -5.79 4.09 17.75
CA GLY B 327 -4.74 3.27 18.29
C GLY B 327 -4.84 1.80 17.95
N ARG B 328 -5.90 1.37 17.27
CA ARG B 328 -6.11 -0.03 16.98
C ARG B 328 -5.25 -0.50 15.81
N GLY B 329 -5.04 -1.83 15.77
CA GLY B 329 -4.47 -2.43 14.59
C GLY B 329 -5.48 -2.48 13.46
N VAL B 330 -4.97 -2.57 12.24
CA VAL B 330 -5.82 -2.55 11.06
C VAL B 330 -5.65 -3.87 10.32
N ARG B 331 -6.77 -4.56 10.05
CA ARG B 331 -6.72 -5.86 9.40
C ARG B 331 -7.08 -5.81 7.91
N LEU B 332 -7.74 -4.75 7.45
CA LEU B 332 -8.14 -4.63 6.05
C LEU B 332 -8.00 -3.17 5.63
N VAL B 333 -7.55 -2.94 4.39
CA VAL B 333 -7.66 -1.62 3.79
C VAL B 333 -8.25 -1.75 2.39
N GLY B 334 -9.17 -0.84 2.05
CA GLY B 334 -9.85 -0.91 0.78
C GLY B 334 -9.92 0.45 0.11
N LEU B 335 -10.02 0.42 -1.23
CA LEU B 335 -10.23 1.59 -2.05
C LEU B 335 -11.60 1.46 -2.72
N HIS B 336 -12.23 2.59 -3.03
CA HIS B 336 -13.62 2.54 -3.45
C HIS B 336 -13.95 3.72 -4.34
N VAL B 337 -14.87 3.48 -5.26
CA VAL B 337 -15.31 4.45 -6.24
C VAL B 337 -16.79 4.25 -6.45
N THR B 338 -17.55 5.34 -6.57
CA THR B 338 -18.92 5.22 -7.01
C THR B 338 -19.05 5.89 -8.36
N LEU B 339 -19.66 5.17 -9.29
CA LEU B 339 -19.77 5.66 -10.65
C LEU B 339 -20.80 6.78 -10.76
N LEU B 340 -20.81 7.43 -11.92
CA LEU B 340 -21.78 8.48 -12.22
C LEU B 340 -23.11 7.84 -12.67
N ASP B 341 -24.21 8.63 -12.62
CA ASP B 341 -25.59 8.16 -12.69
C ASP B 341 -26.04 7.69 -14.09
N PRO B 342 -26.32 8.61 -15.08
CA PRO B 342 -26.75 7.98 -16.33
C PRO B 342 -25.56 7.45 -17.09
MG MG G . 33.31 8.50 3.62
MG MG H . 31.09 10.63 2.12
P1 DPO I . 32.25 6.46 6.20
O1 DPO I . 30.91 6.58 5.48
O2 DPO I . 33.11 7.65 5.87
O3 DPO I . 32.11 6.45 7.70
O4 DPO I . 32.95 5.06 5.71
P2 DPO I . 33.34 4.81 4.13
O5 DPO I . 34.78 4.40 4.07
O6 DPO I . 32.46 3.71 3.56
O7 DPO I . 33.10 6.07 3.36
MG MG J . -25.99 -21.27 -6.72
MG MG K . -26.84 -18.14 -6.82
PA TTP L . 29.87 8.70 4.12
O1A TTP L . 31.48 8.61 3.70
O2A TTP L . 28.87 7.68 3.71
O3A TTP L . 30.67 7.98 5.45
PB TTP L . 31.95 6.92 5.88
O1B TTP L . 31.32 6.30 7.12
O2B TTP L . 33.12 7.85 5.69
O3B TTP L . 32.66 5.43 5.65
PG TTP L . 33.26 5.04 4.12
O1G TTP L . 33.02 6.27 3.29
O2G TTP L . 32.43 3.88 3.64
O3G TTP L . 34.70 4.71 4.36
O5' TTP L . 29.64 9.74 5.44
C5' TTP L . 30.72 10.25 6.19
C4' TTP L . 30.34 10.35 7.69
O4' TTP L . 28.81 10.88 7.88
C3' TTP L . 30.31 9.16 8.30
O3' TTP L . 31.64 8.79 8.83
C2' TTP L . 29.37 9.38 9.53
C1' TTP L . 28.29 10.29 8.95
N1 TTP L . 27.11 9.46 8.57
C2 TTP L . 26.04 9.44 9.38
O2 TTP L . 26.07 10.09 10.39
N3 TTP L . 24.98 8.71 9.08
C4 TTP L . 24.93 7.95 7.98
O4 TTP L . 23.97 7.31 7.70
C5 TTP L . 26.04 7.95 7.11
C5M TTP L . 26.00 7.07 5.82
C6 TTP L . 27.15 8.73 7.46
PA TTP M . -24.85 -18.95 -4.48
O1A TTP M . -25.56 -19.96 -5.58
O2A TTP M . -25.41 -18.76 -3.13
O3A TTP M . -23.73 -20.23 -4.30
PB TTP M . -23.79 -21.96 -4.52
O1B TTP M . -22.47 -22.31 -3.90
O2B TTP M . -24.33 -22.04 -5.93
O3B TTP M . -24.39 -23.41 -4.05
PG TTP M . -26.02 -23.69 -4.05
O1G TTP M . -26.73 -22.48 -4.64
O2G TTP M . -26.53 -23.89 -2.64
O3G TTP M . -26.24 -24.91 -4.89
O5' TTP M . -23.61 -18.18 -5.32
C5' TTP M . -22.76 -18.96 -6.14
C4' TTP M . -21.26 -18.82 -5.82
O4' TTP M . -20.87 -17.39 -5.14
C3' TTP M . -20.81 -19.74 -5.00
O3' TTP M . -20.48 -21.04 -5.68
C2' TTP M . -19.54 -19.10 -4.37
C1' TTP M . -19.85 -17.59 -4.31
N1 TTP M . -20.24 -17.22 -2.92
C2 TTP M . -19.37 -16.59 -2.13
O2 TTP M . -18.27 -16.35 -2.53
N3 TTP M . -19.69 -16.26 -0.89
C4 TTP M . -20.89 -16.50 -0.35
O4 TTP M . -21.13 -16.17 0.75
C5 TTP M . -21.83 -17.15 -1.15
C5M TTP M . -23.24 -17.46 -0.59
C6 TTP M . -21.48 -17.50 -2.47
#